data_3HRK
#
_entry.id   3HRK
#
_cell.length_a   112.360
_cell.length_b   166.987
_cell.length_c   66.021
_cell.angle_alpha   90.00
_cell.angle_beta   90.00
_cell.angle_gamma   90.00
#
_symmetry.space_group_name_H-M   'P 21 21 2'
#
loop_
_entity.id
_entity.type
_entity.pdbx_description
1 polymer 'Histidyl-tRNA synthetase'
2 non-polymer 'HISTIDYL-ADENOSINE MONOPHOSPHATE'
3 non-polymer 'CHLORIDE ION'
#
_entity_poly.entity_id   1
_entity_poly.type   'polypeptide(L)'
_entity_poly.pdbx_seq_one_letter_code
;MAHHHHHHMGTLEAQTQGPGSMQKNMVETEPVQGCRDFPPEAMRCRRHLFDVFHATAKTFGFEEYDAPVLESEELYIRKA
GEEITEQMFNFITKGGHRVALRPEMTPSLARLLLGKGRSLLLPAKWYSIPQCWRYEAITRGRRREHYQWNMDIVGVKSVS
AEVELVCAACWAMRSLGLSSKDVGIKVNSRKVLQTVVEQAGVTSDKFAPVCVIVDKMEKIPREEVEAQLAVLGLEPTVVD
AITTTLSLKSIDEIAQRVGEEHEAVKELRQFFEQVEAYGYGDWVLFDASVVRGLAYYTGIVFEGFDREGKFRALCGGGRY
DNLLTTYGSPTPIPCAGFGFGDCVIVELLQEKRLLPDIPHVVDDVVIPFDESMRPHALAVLRRLRDAGRSADIILDKKKV
VQAFNYADRVGAVRAVLVAPEEWERGEVQVKMLREGTGKEEGGAERGFAVPLDRLV
;
_entity_poly.pdbx_strand_id   A,B
#
loop_
_chem_comp.id
_chem_comp.type
_chem_comp.name
_chem_comp.formula
CL non-polymer 'CHLORIDE ION' 'Cl -1'
HAM non-polymer 'HISTIDYL-ADENOSINE MONOPHOSPHATE' 'C16 H21 N8 O8 P'
#
# COMPACT_ATOMS: atom_id res chain seq x y z
N VAL A 27 22.19 -16.91 3.78
CA VAL A 27 22.73 -16.36 2.52
C VAL A 27 21.66 -16.31 1.41
N GLU A 28 20.40 -16.54 1.79
CA GLU A 28 19.33 -16.90 0.82
C GLU A 28 18.61 -15.70 0.23
N THR A 29 18.67 -15.53 -1.08
CA THR A 29 18.17 -14.30 -1.72
C THR A 29 16.76 -14.38 -2.32
N GLU A 30 16.38 -15.54 -2.84
CA GLU A 30 15.08 -15.69 -3.53
C GLU A 30 13.89 -15.54 -2.58
N PRO A 31 12.74 -15.07 -3.09
CA PRO A 31 11.61 -14.84 -2.20
C PRO A 31 10.82 -16.11 -1.95
N VAL A 32 9.96 -16.05 -0.96
CA VAL A 32 9.15 -17.20 -0.54
C VAL A 32 8.24 -17.67 -1.67
N GLN A 33 8.30 -18.96 -1.99
CA GLN A 33 7.38 -19.58 -2.94
C GLN A 33 7.18 -18.75 -4.22
N GLY A 34 5.93 -18.68 -4.70
CA GLY A 34 5.62 -17.94 -5.90
C GLY A 34 5.23 -16.50 -5.60
N CYS A 35 6.01 -15.84 -4.74
CA CYS A 35 5.82 -14.44 -4.44
C CYS A 35 6.80 -13.64 -5.27
N ARG A 36 6.50 -12.35 -5.41
CA ARG A 36 7.34 -11.44 -6.16
C ARG A 36 8.06 -10.48 -5.23
N ASP A 37 9.35 -10.29 -5.47
CA ASP A 37 10.05 -9.16 -4.91
C ASP A 37 9.72 -7.95 -5.77
N PHE A 38 9.79 -6.76 -5.17
CA PHE A 38 9.56 -5.53 -5.92
C PHE A 38 10.69 -4.54 -5.70
N PRO A 39 11.84 -4.76 -6.36
CA PRO A 39 12.86 -3.72 -6.37
C PRO A 39 12.40 -2.52 -7.19
N PRO A 40 13.07 -1.36 -7.02
CA PRO A 40 12.67 -0.07 -7.58
C PRO A 40 12.24 -0.14 -9.02
N GLU A 41 12.98 -0.89 -9.83
CA GLU A 41 12.71 -1.00 -11.26
CA GLU A 41 12.69 -0.99 -11.25
C GLU A 41 11.31 -1.60 -11.45
N ALA A 42 11.06 -2.72 -10.77
CA ALA A 42 9.78 -3.40 -10.85
C ALA A 42 8.73 -2.58 -10.12
N MET A 43 9.11 -2.06 -8.96
CA MET A 43 8.18 -1.31 -8.14
C MET A 43 7.57 -0.13 -8.90
N ARG A 44 8.31 0.49 -9.80
CA ARG A 44 7.77 1.60 -10.59
C ARG A 44 6.60 1.14 -11.44
N CYS A 45 6.77 0.01 -12.10
CA CYS A 45 5.71 -0.60 -12.88
C CYS A 45 4.46 -0.78 -12.03
N ARG A 46 4.64 -1.20 -10.78
CA ARG A 46 3.49 -1.39 -9.90
C ARG A 46 2.81 -0.07 -9.65
N ARG A 47 3.57 0.93 -9.22
CA ARG A 47 3.03 2.27 -9.00
C ARG A 47 2.25 2.80 -10.20
N HIS A 48 2.86 2.69 -11.38
CA HIS A 48 2.20 3.05 -12.63
C HIS A 48 0.83 2.38 -12.69
N LEU A 49 0.77 1.11 -12.34
CA LEU A 49 -0.47 0.34 -12.38
C LEU A 49 -1.48 0.79 -11.33
N PHE A 50 -0.97 1.30 -10.22
CA PHE A 50 -1.82 1.60 -9.09
C PHE A 50 -2.40 2.98 -9.20
N ASP A 51 -1.55 3.95 -9.49
CA ASP A 51 -2.01 5.32 -9.83
C ASP A 51 -3.33 5.24 -10.61
N VAL A 52 -3.35 4.35 -11.60
CA VAL A 52 -4.51 4.23 -12.46
C VAL A 52 -5.74 3.82 -11.65
N PHE A 53 -5.65 2.71 -10.92
CA PHE A 53 -6.77 2.23 -10.11
C PHE A 53 -7.26 3.36 -9.21
N HIS A 54 -6.35 3.95 -8.45
CA HIS A 54 -6.73 5.07 -7.59
C HIS A 54 -7.41 6.16 -8.45
N ALA A 55 -6.75 6.60 -9.52
CA ALA A 55 -7.29 7.68 -10.34
C ALA A 55 -8.71 7.36 -10.82
N THR A 56 -8.91 6.13 -11.26
CA THR A 56 -10.18 5.65 -11.76
C THR A 56 -11.20 5.64 -10.65
N ALA A 57 -10.82 5.11 -9.49
CA ALA A 57 -11.71 5.17 -8.34
C ALA A 57 -12.15 6.63 -8.16
N LYS A 58 -11.20 7.52 -7.96
CA LYS A 58 -11.49 8.93 -7.73
C LYS A 58 -12.41 9.51 -8.84
N THR A 59 -12.02 9.29 -10.09
CA THR A 59 -12.81 9.76 -11.21
C THR A 59 -14.25 9.24 -11.07
N PHE A 60 -14.41 8.02 -10.54
CA PHE A 60 -15.73 7.40 -10.42
C PHE A 60 -16.35 7.62 -9.06
N GLY A 61 -15.62 8.26 -8.16
CA GLY A 61 -16.14 8.65 -6.87
C GLY A 61 -16.20 7.52 -5.87
N PHE A 62 -15.16 6.70 -5.83
CA PHE A 62 -15.06 5.68 -4.80
C PHE A 62 -14.13 6.12 -3.67
N GLU A 63 -14.45 5.71 -2.44
CA GLU A 63 -13.65 6.01 -1.27
C GLU A 63 -12.74 4.83 -0.96
N GLU A 64 -11.52 5.12 -0.53
CA GLU A 64 -10.58 4.05 -0.30
C GLU A 64 -10.77 3.54 1.11
N TYR A 65 -10.65 2.22 1.29
CA TYR A 65 -10.57 1.56 2.61
C TYR A 65 -9.53 0.45 2.60
N ASP A 66 -9.24 -0.09 3.77
CA ASP A 66 -8.33 -1.23 3.92
C ASP A 66 -8.67 -2.01 5.21
N ALA A 67 -8.45 -3.32 5.18
CA ALA A 67 -8.55 -4.15 6.39
C ALA A 67 -7.20 -4.84 6.61
N PRO A 68 -7.03 -5.52 7.77
CA PRO A 68 -5.75 -6.19 7.96
C PRO A 68 -5.67 -7.38 7.06
N VAL A 69 -4.47 -7.68 6.55
CA VAL A 69 -4.31 -8.79 5.60
C VAL A 69 -4.61 -10.12 6.26
N LEU A 70 -4.33 -10.20 7.56
CA LEU A 70 -4.59 -11.38 8.38
C LEU A 70 -5.97 -11.25 8.99
N GLU A 71 -6.78 -12.30 8.87
CA GLU A 71 -8.16 -12.30 9.39
C GLU A 71 -8.46 -13.59 10.14
N SER A 72 -9.60 -13.61 10.84
CA SER A 72 -10.02 -14.80 11.55
C SER A 72 -10.32 -15.89 10.54
N GLU A 73 -9.99 -17.12 10.90
CA GLU A 73 -10.31 -18.26 10.06
C GLU A 73 -11.82 -18.32 9.88
N GLU A 74 -12.54 -18.21 10.99
CA GLU A 74 -14.01 -18.27 11.03
C GLU A 74 -14.70 -17.51 9.90
N LEU A 75 -14.13 -16.36 9.53
CA LEU A 75 -14.73 -15.47 8.53
C LEU A 75 -14.98 -16.11 7.17
N TYR A 76 -14.16 -17.07 6.79
CA TYR A 76 -14.27 -17.67 5.46
C TYR A 76 -14.96 -19.03 5.48
N ILE A 77 -15.85 -19.25 6.46
CA ILE A 77 -16.63 -20.50 6.55
C ILE A 77 -17.93 -20.40 5.72
N ARG A 78 -17.86 -20.91 4.49
CA ARG A 78 -19.03 -21.07 3.61
C ARG A 78 -19.14 -22.53 3.16
N LYS A 79 -18.05 -23.05 2.57
CA LYS A 79 -17.94 -24.46 2.18
C LYS A 79 -19.05 -24.90 1.21
N ALA A 80 -19.19 -24.15 0.11
CA ALA A 80 -20.20 -24.45 -0.91
C ALA A 80 -19.61 -25.27 -2.08
N GLY A 81 -18.79 -26.28 -1.74
CA GLY A 81 -18.06 -27.08 -2.73
C GLY A 81 -16.92 -26.34 -3.41
N GLU A 82 -16.51 -25.21 -2.84
CA GLU A 82 -15.54 -24.32 -3.48
C GLU A 82 -14.12 -24.88 -3.43
N GLU A 83 -13.22 -24.23 -4.17
CA GLU A 83 -11.80 -24.57 -4.15
C GLU A 83 -11.01 -23.65 -3.21
N ILE A 84 -11.62 -22.54 -2.80
CA ILE A 84 -10.93 -21.52 -2.01
C ILE A 84 -10.74 -21.90 -0.52
N THR A 85 -11.56 -22.83 0.00
CA THR A 85 -11.53 -23.19 1.43
C THR A 85 -10.23 -23.87 1.89
N GLU A 86 -9.64 -24.71 1.04
CA GLU A 86 -8.40 -25.41 1.39
C GLU A 86 -7.17 -24.68 0.86
N GLN A 87 -7.34 -23.91 -0.22
CA GLN A 87 -6.29 -23.01 -0.74
C GLN A 87 -6.00 -21.83 0.20
N MET A 88 -5.68 -22.11 1.45
CA MET A 88 -5.66 -21.10 2.49
C MET A 88 -4.32 -21.08 3.20
N PHE A 89 -3.85 -19.88 3.51
CA PHE A 89 -2.70 -19.74 4.40
C PHE A 89 -3.25 -19.57 5.80
N ASN A 90 -3.62 -20.69 6.43
CA ASN A 90 -4.21 -20.68 7.77
C ASN A 90 -3.21 -21.17 8.80
N PHE A 91 -3.30 -20.62 10.00
CA PHE A 91 -2.49 -21.08 11.13
C PHE A 91 -3.07 -20.62 12.48
N ILE A 92 -2.35 -20.89 13.56
CA ILE A 92 -2.82 -20.54 14.90
C ILE A 92 -1.79 -19.68 15.65
N THR A 93 -2.28 -18.60 16.25
CA THR A 93 -1.44 -17.70 17.05
C THR A 93 -1.31 -18.17 18.48
N LYS A 94 -2.26 -19.02 18.87
CA LYS A 94 -2.61 -19.33 20.27
C LYS A 94 -3.41 -18.15 20.86
N GLY A 95 -2.74 -17.01 21.04
CA GLY A 95 -3.33 -15.86 21.75
C GLY A 95 -4.28 -15.03 20.92
N GLY A 96 -5.58 -15.24 21.18
CA GLY A 96 -6.64 -14.54 20.47
C GLY A 96 -7.62 -15.48 19.77
N HIS A 97 -7.09 -16.58 19.22
CA HIS A 97 -7.85 -17.55 18.38
C HIS A 97 -7.11 -17.78 17.02
N ARG A 98 -7.49 -18.81 16.27
CA ARG A 98 -6.83 -19.19 15.01
C ARG A 98 -7.14 -18.23 13.86
N VAL A 99 -6.31 -18.26 12.82
CA VAL A 99 -6.33 -17.22 11.79
C VAL A 99 -5.92 -17.70 10.40
N ALA A 100 -6.05 -16.80 9.42
CA ALA A 100 -5.61 -17.04 8.05
C ALA A 100 -5.38 -15.75 7.29
N LEU A 101 -4.43 -15.77 6.35
CA LEU A 101 -4.19 -14.61 5.49
C LEU A 101 -5.23 -14.60 4.40
N ARG A 102 -5.89 -13.45 4.23
CA ARG A 102 -7.04 -13.31 3.31
C ARG A 102 -6.74 -13.78 1.88
N PRO A 103 -7.66 -14.54 1.28
CA PRO A 103 -7.58 -14.88 -0.14
C PRO A 103 -8.50 -14.03 -1.04
N GLU A 104 -9.41 -13.29 -0.41
CA GLU A 104 -10.28 -12.31 -1.08
C GLU A 104 -10.73 -11.23 -0.09
N MET A 105 -11.00 -10.03 -0.60
CA MET A 105 -11.25 -8.86 0.25
C MET A 105 -12.69 -8.81 0.70
N THR A 106 -13.59 -9.25 -0.19
CA THR A 106 -15.02 -9.10 0.00
C THR A 106 -15.49 -9.47 1.41
N PRO A 107 -15.13 -10.66 1.91
CA PRO A 107 -15.57 -10.98 3.26
C PRO A 107 -15.15 -9.93 4.26
N SER A 108 -13.89 -9.50 4.16
CA SER A 108 -13.38 -8.45 5.04
C SER A 108 -14.12 -7.12 4.86
N LEU A 109 -14.61 -6.85 3.65
CA LEU A 109 -15.46 -5.68 3.42
C LEU A 109 -16.76 -5.84 4.19
N ALA A 110 -17.41 -6.98 3.98
CA ALA A 110 -18.68 -7.24 4.60
C ALA A 110 -18.55 -7.04 6.10
N ARG A 111 -17.43 -7.48 6.66
CA ARG A 111 -17.20 -7.36 8.11
C ARG A 111 -17.19 -5.89 8.53
N LEU A 112 -16.34 -5.11 7.89
CA LEU A 112 -16.30 -3.67 8.10
C LEU A 112 -17.66 -2.97 7.90
N LEU A 113 -18.35 -3.30 6.81
CA LEU A 113 -19.68 -2.74 6.54
C LEU A 113 -20.60 -3.00 7.71
N LEU A 114 -20.86 -4.28 7.98
CA LEU A 114 -21.74 -4.66 9.09
C LEU A 114 -21.28 -4.04 10.40
N GLY A 115 -19.98 -3.91 10.57
CA GLY A 115 -19.39 -3.28 11.77
C GLY A 115 -19.86 -1.85 11.93
N LYS A 116 -19.87 -1.12 10.83
CA LYS A 116 -20.33 0.26 10.80
C LYS A 116 -21.77 0.35 11.30
N GLY A 117 -22.56 -0.71 11.07
CA GLY A 117 -23.89 -0.84 11.67
C GLY A 117 -24.88 0.19 11.16
N ARG A 118 -25.69 0.74 12.07
CA ARG A 118 -26.65 1.78 11.74
C ARG A 118 -25.95 3.04 11.20
N SER A 119 -24.73 3.29 11.64
CA SER A 119 -23.96 4.46 11.17
C SER A 119 -23.58 4.41 9.68
N LEU A 120 -23.82 3.28 9.02
CA LEU A 120 -23.44 3.13 7.61
C LEU A 120 -24.39 3.87 6.69
N LEU A 121 -23.86 4.80 5.92
CA LEU A 121 -24.66 5.61 5.03
C LEU A 121 -24.63 5.00 3.65
N LEU A 122 -25.81 4.86 3.02
CA LEU A 122 -25.94 4.18 1.71
C LEU A 122 -26.68 5.02 0.64
N PRO A 123 -26.35 4.81 -0.64
CA PRO A 123 -25.39 3.85 -1.14
C PRO A 123 -24.01 4.24 -0.73
N ALA A 124 -23.11 3.27 -0.73
CA ALA A 124 -21.72 3.51 -0.47
C ALA A 124 -20.92 2.94 -1.62
N LYS A 125 -19.81 3.60 -1.97
CA LYS A 125 -18.93 3.20 -3.05
C LYS A 125 -17.50 3.10 -2.54
N TRP A 126 -17.05 1.91 -2.21
CA TRP A 126 -15.76 1.69 -1.53
C TRP A 126 -14.77 0.91 -2.38
N TYR A 127 -13.50 1.31 -2.33
CA TYR A 127 -12.47 0.59 -3.07
C TYR A 127 -11.22 0.35 -2.26
N SER A 128 -10.44 -0.62 -2.72
CA SER A 128 -9.20 -1.03 -2.04
C SER A 128 -8.26 -1.81 -2.97
N ILE A 129 -6.96 -1.79 -2.64
CA ILE A 129 -5.97 -2.55 -3.40
C ILE A 129 -5.22 -3.44 -2.42
N PRO A 130 -5.90 -4.47 -1.92
CA PRO A 130 -5.30 -5.36 -0.96
C PRO A 130 -4.51 -6.47 -1.61
N GLN A 131 -3.46 -6.92 -0.92
CA GLN A 131 -2.76 -8.17 -1.24
C GLN A 131 -3.62 -9.34 -0.81
N CYS A 132 -3.46 -10.46 -1.51
CA CYS A 132 -4.28 -11.65 -1.29
C CYS A 132 -3.47 -12.94 -1.45
N TRP A 133 -3.84 -13.94 -0.66
CA TRP A 133 -3.02 -15.12 -0.51
C TRP A 133 -3.82 -16.39 -0.74
N ARG A 134 -3.52 -17.03 -1.87
CA ARG A 134 -4.11 -18.30 -2.25
C ARG A 134 -3.00 -19.33 -2.37
N TYR A 135 -3.12 -20.43 -1.62
CA TYR A 135 -2.16 -21.54 -1.72
C TYR A 135 -2.45 -22.26 -3.04
N GLU A 136 -2.22 -21.57 -4.15
CA GLU A 136 -2.73 -21.96 -5.46
C GLU A 136 -1.61 -22.58 -6.28
N ALA A 137 -1.68 -22.51 -7.61
CA ALA A 137 -0.81 -23.29 -8.47
C ALA A 137 0.25 -22.45 -9.19
N ILE A 138 0.72 -21.38 -8.54
CA ILE A 138 1.90 -20.63 -9.01
C ILE A 138 1.81 -20.13 -10.47
N THR A 139 2.38 -20.85 -11.45
CA THR A 139 2.33 -20.37 -12.84
C THR A 139 0.99 -20.78 -13.47
N ARG A 140 0.53 -20.11 -14.53
CA ARG A 140 1.26 -19.04 -15.25
C ARG A 140 1.10 -17.70 -14.57
N GLY A 141 -0.09 -17.10 -14.74
CA GLY A 141 -0.39 -15.79 -14.19
C GLY A 141 -1.33 -15.93 -13.02
N ARG A 142 -1.06 -16.91 -12.16
CA ARG A 142 -1.82 -17.13 -10.94
C ARG A 142 -0.83 -17.48 -9.81
N ARG A 143 -0.02 -16.50 -9.43
CA ARG A 143 1.00 -16.67 -8.40
C ARG A 143 0.42 -16.78 -7.00
N ARG A 144 1.20 -17.32 -6.07
CA ARG A 144 0.71 -17.61 -4.71
C ARG A 144 0.31 -16.36 -3.90
N GLU A 145 0.68 -15.18 -4.38
CA GLU A 145 0.25 -13.91 -3.78
C GLU A 145 0.02 -12.91 -4.89
N HIS A 146 -0.96 -12.06 -4.67
CA HIS A 146 -1.32 -11.07 -5.69
C HIS A 146 -2.08 -9.92 -5.10
N TYR A 147 -1.89 -8.77 -5.71
CA TYR A 147 -2.66 -7.59 -5.35
C TYR A 147 -3.93 -7.61 -6.19
N GLN A 148 -5.00 -7.09 -5.63
CA GLN A 148 -6.31 -7.16 -6.26
C GLN A 148 -7.08 -5.87 -6.03
N TRP A 149 -7.38 -5.15 -7.09
CA TRP A 149 -8.12 -3.91 -6.96
C TRP A 149 -9.61 -4.20 -6.78
N ASN A 150 -10.15 -3.92 -5.61
CA ASN A 150 -11.57 -4.11 -5.38
C ASN A 150 -12.38 -2.84 -5.45
N MET A 151 -13.38 -2.85 -6.33
CA MET A 151 -14.39 -1.82 -6.37
C MET A 151 -15.71 -2.49 -6.00
N ASP A 152 -16.42 -1.90 -5.05
CA ASP A 152 -17.72 -2.41 -4.61
C ASP A 152 -18.73 -1.30 -4.39
N ILE A 153 -19.93 -1.48 -4.91
CA ILE A 153 -21.06 -0.60 -4.63
C ILE A 153 -22.00 -1.33 -3.70
N VAL A 154 -22.37 -0.68 -2.61
CA VAL A 154 -23.19 -1.29 -1.58
C VAL A 154 -24.43 -0.46 -1.39
N GLY A 155 -25.59 -1.11 -1.47
CA GLY A 155 -26.86 -0.46 -1.20
C GLY A 155 -27.60 0.00 -2.45
N VAL A 156 -27.28 -0.63 -3.58
CA VAL A 156 -27.91 -0.29 -4.85
C VAL A 156 -28.58 -1.54 -5.43
N LYS A 157 -29.89 -1.45 -5.65
CA LYS A 157 -30.67 -2.57 -6.16
C LYS A 157 -30.48 -2.81 -7.65
N SER A 158 -30.52 -1.75 -8.45
CA SER A 158 -30.59 -1.88 -9.90
C SER A 158 -29.25 -2.23 -10.56
N VAL A 159 -29.30 -2.57 -11.85
CA VAL A 159 -28.09 -2.85 -12.63
C VAL A 159 -27.24 -1.60 -12.87
N SER A 160 -27.83 -0.44 -12.63
CA SER A 160 -27.09 0.79 -12.64
C SER A 160 -25.74 0.59 -11.97
N ALA A 161 -25.70 -0.17 -10.87
CA ALA A 161 -24.45 -0.47 -10.17
C ALA A 161 -23.45 -1.21 -11.06
N GLU A 162 -23.77 -2.46 -11.39
CA GLU A 162 -22.93 -3.25 -12.30
C GLU A 162 -22.38 -2.44 -13.48
N VAL A 163 -23.26 -1.68 -14.12
CA VAL A 163 -22.88 -0.80 -15.25
C VAL A 163 -21.69 0.07 -14.85
N GLU A 164 -21.91 0.91 -13.85
CA GLU A 164 -20.87 1.72 -13.27
C GLU A 164 -19.61 0.88 -13.07
N LEU A 165 -19.74 -0.20 -12.31
CA LEU A 165 -18.60 -1.06 -11.96
C LEU A 165 -17.84 -1.54 -13.18
N VAL A 166 -18.57 -2.06 -14.17
CA VAL A 166 -17.95 -2.54 -15.39
C VAL A 166 -17.33 -1.39 -16.15
N CYS A 167 -18.01 -0.25 -16.23
CA CYS A 167 -17.40 0.93 -16.86
C CYS A 167 -16.13 1.35 -16.15
N ALA A 168 -16.07 1.14 -14.85
CA ALA A 168 -14.87 1.48 -14.07
C ALA A 168 -13.66 0.63 -14.46
N ALA A 169 -13.86 -0.66 -14.69
CA ALA A 169 -12.79 -1.55 -15.16
C ALA A 169 -12.28 -1.06 -16.52
N CYS A 170 -13.20 -0.78 -17.43
CA CYS A 170 -12.89 -0.29 -18.76
C CYS A 170 -12.04 0.95 -18.69
N TRP A 171 -12.52 1.98 -17.99
CA TRP A 171 -11.75 3.21 -17.87
C TRP A 171 -10.31 2.89 -17.45
N ALA A 172 -10.17 2.14 -16.36
CA ALA A 172 -8.86 1.77 -15.89
C ALA A 172 -8.02 1.26 -17.03
N MET A 173 -8.53 0.25 -17.73
CA MET A 173 -7.78 -0.37 -18.83
C MET A 173 -7.45 0.63 -19.93
N ARG A 174 -8.47 1.37 -20.37
CA ARG A 174 -8.27 2.42 -21.34
C ARG A 174 -7.16 3.34 -20.83
N SER A 175 -7.20 3.68 -19.54
CA SER A 175 -6.20 4.54 -18.95
C SER A 175 -4.81 3.95 -19.10
N LEU A 176 -4.71 2.63 -18.94
CA LEU A 176 -3.42 1.92 -19.05
C LEU A 176 -2.90 1.83 -20.50
N GLY A 177 -3.75 2.19 -21.46
CA GLY A 177 -3.38 2.20 -22.86
C GLY A 177 -3.94 1.04 -23.66
N LEU A 178 -5.02 0.43 -23.18
CA LEU A 178 -5.71 -0.64 -23.91
C LEU A 178 -6.96 -0.15 -24.63
N SER A 179 -7.58 -1.04 -25.41
CA SER A 179 -8.78 -0.70 -26.15
C SER A 179 -9.73 -1.88 -26.17
N SER A 180 -10.94 -1.64 -26.66
CA SER A 180 -11.95 -2.69 -26.83
C SER A 180 -11.46 -3.85 -27.70
N LYS A 181 -10.58 -3.56 -28.66
CA LYS A 181 -10.03 -4.57 -29.57
C LYS A 181 -9.03 -5.52 -28.89
N ASP A 182 -8.45 -5.10 -27.78
CA ASP A 182 -7.46 -5.92 -27.07
C ASP A 182 -8.15 -6.77 -26.02
N VAL A 183 -9.13 -6.17 -25.37
CA VAL A 183 -9.73 -6.69 -24.16
C VAL A 183 -11.23 -6.61 -24.23
N GLY A 184 -11.90 -7.65 -23.75
CA GLY A 184 -13.36 -7.63 -23.65
C GLY A 184 -13.83 -7.94 -22.25
N ILE A 185 -15.11 -7.70 -22.00
CA ILE A 185 -15.74 -8.08 -20.74
C ILE A 185 -17.00 -8.86 -21.03
N LYS A 186 -17.01 -10.12 -20.64
CA LYS A 186 -18.14 -11.00 -20.89
C LYS A 186 -19.17 -10.88 -19.76
N VAL A 187 -20.46 -10.92 -20.10
CA VAL A 187 -21.52 -10.64 -19.12
C VAL A 187 -22.64 -11.67 -19.12
N ASN A 188 -23.18 -11.93 -17.93
CA ASN A 188 -24.26 -12.90 -17.75
C ASN A 188 -24.96 -12.73 -16.40
N SER A 189 -26.09 -13.41 -16.22
CA SER A 189 -26.84 -13.42 -14.96
C SER A 189 -27.06 -14.84 -14.44
N ARG A 190 -26.69 -15.09 -13.19
CA ARG A 190 -26.91 -16.39 -12.56
C ARG A 190 -28.39 -16.72 -12.37
N LYS A 191 -29.26 -15.73 -12.48
CA LYS A 191 -30.68 -15.98 -12.34
C LYS A 191 -31.15 -16.91 -13.46
N VAL A 192 -30.69 -16.66 -14.69
CA VAL A 192 -31.04 -17.53 -15.83
C VAL A 192 -30.90 -19.00 -15.47
N LEU A 193 -29.75 -19.32 -14.87
CA LEU A 193 -29.45 -20.66 -14.41
C LEU A 193 -30.34 -21.01 -13.23
N GLN A 194 -30.27 -20.18 -12.19
CA GLN A 194 -31.06 -20.35 -10.97
C GLN A 194 -32.52 -20.73 -11.25
N THR A 195 -33.07 -20.14 -12.30
CA THR A 195 -34.38 -20.52 -12.82
C THR A 195 -34.37 -21.97 -13.29
N VAL A 196 -33.55 -22.25 -14.30
CA VAL A 196 -33.52 -23.58 -14.92
C VAL A 196 -33.48 -24.68 -13.87
N VAL A 197 -32.57 -24.54 -12.91
CA VAL A 197 -32.44 -25.51 -11.81
C VAL A 197 -33.72 -25.59 -10.99
N GLU A 198 -34.14 -24.46 -10.42
CA GLU A 198 -35.39 -24.38 -9.65
C GLU A 198 -36.58 -24.98 -10.40
N GLN A 199 -36.57 -24.89 -11.74
CA GLN A 199 -37.64 -25.44 -12.59
C GLN A 199 -37.65 -26.97 -12.66
N ALA A 200 -36.47 -27.58 -12.75
CA ALA A 200 -36.35 -29.01 -12.49
C ALA A 200 -36.41 -29.18 -10.97
N GLY A 201 -36.66 -30.41 -10.53
CA GLY A 201 -36.86 -30.66 -9.09
C GLY A 201 -35.61 -30.83 -8.24
N VAL A 202 -34.78 -29.79 -8.14
CA VAL A 202 -33.73 -29.74 -7.13
C VAL A 202 -33.78 -28.43 -6.34
N THR A 203 -34.11 -28.59 -5.07
CA THR A 203 -33.82 -27.61 -4.02
C THR A 203 -32.65 -26.69 -4.37
N SER A 204 -32.78 -25.40 -4.05
CA SER A 204 -31.68 -24.46 -4.23
C SER A 204 -30.43 -24.94 -3.46
N ASP A 205 -30.67 -25.71 -2.40
CA ASP A 205 -29.67 -26.58 -1.78
C ASP A 205 -28.41 -26.82 -2.63
N LYS A 206 -28.58 -27.54 -3.75
CA LYS A 206 -27.45 -27.98 -4.58
C LYS A 206 -26.99 -26.96 -5.64
N PHE A 207 -27.60 -25.77 -5.65
CA PHE A 207 -27.38 -24.80 -6.74
C PHE A 207 -25.98 -24.20 -6.76
N ALA A 208 -25.59 -23.55 -5.67
CA ALA A 208 -24.27 -22.92 -5.58
C ALA A 208 -23.15 -23.87 -6.03
N PRO A 209 -23.15 -25.12 -5.51
CA PRO A 209 -22.26 -26.17 -5.99
C PRO A 209 -22.30 -26.37 -7.51
N VAL A 210 -23.49 -26.32 -8.11
CA VAL A 210 -23.61 -26.38 -9.57
C VAL A 210 -22.89 -25.21 -10.25
N CYS A 211 -23.01 -24.01 -9.67
CA CYS A 211 -22.26 -22.84 -10.15
C CYS A 211 -20.75 -23.03 -10.06
N VAL A 212 -20.29 -23.72 -9.02
CA VAL A 212 -18.89 -24.07 -8.90
C VAL A 212 -18.51 -25.05 -10.01
N ILE A 213 -19.31 -26.10 -10.16
CA ILE A 213 -19.05 -27.08 -11.17
C ILE A 213 -19.08 -26.42 -12.54
N VAL A 214 -20.19 -25.78 -12.85
CA VAL A 214 -20.42 -25.22 -14.18
C VAL A 214 -19.37 -24.20 -14.65
N ASP A 215 -18.72 -23.53 -13.72
CA ASP A 215 -17.65 -22.58 -14.06
C ASP A 215 -16.48 -23.23 -14.76
N LYS A 216 -16.28 -24.52 -14.47
CA LYS A 216 -15.15 -25.27 -14.98
C LYS A 216 -15.27 -25.57 -16.48
N MET A 217 -16.40 -25.27 -17.09
CA MET A 217 -16.62 -25.60 -18.51
C MET A 217 -15.59 -24.99 -19.46
N GLU A 218 -15.23 -23.73 -19.23
CA GLU A 218 -14.10 -23.14 -19.94
C GLU A 218 -12.83 -23.98 -19.68
N LYS A 219 -12.51 -24.18 -18.41
CA LYS A 219 -11.27 -24.81 -18.00
C LYS A 219 -11.08 -26.29 -18.41
N ILE A 220 -12.17 -27.07 -18.49
CA ILE A 220 -12.06 -28.54 -18.78
C ILE A 220 -13.22 -29.08 -19.66
N PRO A 221 -13.14 -30.34 -20.12
CA PRO A 221 -14.10 -30.86 -21.11
C PRO A 221 -15.45 -31.26 -20.54
N ARG A 222 -16.45 -31.31 -21.42
CA ARG A 222 -17.86 -31.38 -21.03
C ARG A 222 -18.23 -32.61 -20.21
N GLU A 223 -17.61 -33.75 -20.51
CA GLU A 223 -17.97 -35.02 -19.87
C GLU A 223 -17.64 -35.06 -18.39
N GLU A 224 -16.56 -34.37 -17.99
CA GLU A 224 -16.14 -34.36 -16.60
C GLU A 224 -16.99 -33.40 -15.77
N VAL A 225 -17.46 -32.33 -16.39
CA VAL A 225 -18.41 -31.46 -15.72
C VAL A 225 -19.67 -32.29 -15.50
N GLU A 226 -20.24 -32.80 -16.60
CA GLU A 226 -21.46 -33.61 -16.56
C GLU A 226 -21.37 -34.80 -15.58
N ALA A 227 -20.16 -35.31 -15.38
CA ALA A 227 -19.92 -36.38 -14.43
C ALA A 227 -20.08 -35.89 -13.00
N GLN A 228 -19.49 -34.75 -12.69
CA GLN A 228 -19.58 -34.18 -11.34
C GLN A 228 -21.00 -33.73 -10.99
N LEU A 229 -21.78 -33.36 -12.01
CA LEU A 229 -23.17 -32.95 -11.78
C LEU A 229 -24.07 -34.14 -11.51
N ALA A 230 -23.81 -35.26 -12.20
CA ALA A 230 -24.45 -36.52 -11.89
C ALA A 230 -24.07 -36.98 -10.47
N VAL A 231 -22.83 -36.68 -10.08
CA VAL A 231 -22.34 -36.99 -8.73
C VAL A 231 -23.03 -36.13 -7.66
N LEU A 232 -23.36 -34.90 -8.00
CA LEU A 232 -24.11 -34.06 -7.07
C LEU A 232 -25.56 -34.52 -6.95
N GLY A 233 -25.91 -35.60 -7.67
CA GLY A 233 -27.22 -36.24 -7.55
C GLY A 233 -28.09 -36.04 -8.78
N LEU A 234 -27.83 -34.97 -9.52
CA LEU A 234 -28.73 -34.55 -10.61
C LEU A 234 -28.90 -35.59 -11.72
N GLU A 235 -30.08 -35.55 -12.34
CA GLU A 235 -30.40 -36.41 -13.47
C GLU A 235 -29.65 -35.98 -14.72
N PRO A 236 -29.62 -36.85 -15.75
CA PRO A 236 -29.04 -36.48 -17.04
C PRO A 236 -29.84 -35.42 -17.78
N THR A 237 -31.17 -35.52 -17.73
CA THR A 237 -32.04 -34.62 -18.49
C THR A 237 -31.95 -33.17 -17.96
N VAL A 238 -31.73 -33.04 -16.66
CA VAL A 238 -31.45 -31.73 -16.03
C VAL A 238 -30.02 -31.24 -16.33
N VAL A 239 -29.07 -32.19 -16.38
CA VAL A 239 -27.72 -31.90 -16.83
C VAL A 239 -27.75 -31.34 -18.25
N ASP A 240 -28.52 -31.95 -19.13
CA ASP A 240 -28.71 -31.46 -20.51
C ASP A 240 -29.14 -30.01 -20.50
N ALA A 241 -30.23 -29.71 -19.80
CA ALA A 241 -30.77 -28.36 -19.72
C ALA A 241 -29.69 -27.36 -19.40
N ILE A 242 -28.86 -27.69 -18.42
CA ILE A 242 -27.76 -26.83 -17.99
C ILE A 242 -26.75 -26.59 -19.12
N THR A 243 -26.24 -27.67 -19.69
CA THR A 243 -25.40 -27.60 -20.89
C THR A 243 -25.98 -26.62 -21.91
N THR A 244 -27.26 -26.80 -22.25
CA THR A 244 -27.93 -25.95 -23.23
C THR A 244 -27.89 -24.49 -22.82
N THR A 245 -28.31 -24.21 -21.58
CA THR A 245 -28.36 -22.83 -21.10
C THR A 245 -27.01 -22.18 -21.26
N LEU A 246 -25.97 -22.84 -20.77
CA LEU A 246 -24.61 -22.31 -20.88
C LEU A 246 -24.23 -21.93 -22.31
N SER A 247 -24.76 -22.69 -23.29
CA SER A 247 -24.41 -22.47 -24.68
C SER A 247 -25.33 -21.46 -25.39
N LEU A 248 -26.32 -20.93 -24.67
CA LEU A 248 -27.26 -19.96 -25.26
C LEU A 248 -26.55 -18.75 -25.87
N LYS A 249 -26.90 -18.44 -27.12
CA LYS A 249 -26.11 -17.52 -27.94
C LYS A 249 -26.29 -16.06 -27.56
N SER A 250 -27.53 -15.61 -27.41
CA SER A 250 -27.76 -14.19 -27.08
C SER A 250 -28.92 -13.93 -26.11
N ILE A 251 -29.15 -12.66 -25.81
CA ILE A 251 -30.22 -12.22 -24.92
C ILE A 251 -31.57 -12.58 -25.55
N ASP A 252 -31.74 -12.20 -26.81
CA ASP A 252 -32.91 -12.61 -27.60
C ASP A 252 -33.23 -14.08 -27.32
N GLU A 253 -32.19 -14.90 -27.39
CA GLU A 253 -32.30 -16.34 -27.18
C GLU A 253 -32.61 -16.69 -25.72
N ILE A 254 -32.10 -15.90 -24.78
CA ILE A 254 -32.47 -16.09 -23.37
C ILE A 254 -33.98 -15.98 -23.23
N ALA A 255 -34.53 -14.91 -23.78
CA ALA A 255 -35.97 -14.69 -23.79
C ALA A 255 -36.78 -15.94 -24.10
N GLN A 256 -36.30 -16.75 -25.03
CA GLN A 256 -37.06 -17.90 -25.53
C GLN A 256 -37.05 -19.13 -24.63
N ARG A 257 -36.07 -19.25 -23.72
CA ARG A 257 -36.04 -20.35 -22.76
C ARG A 257 -36.66 -19.94 -21.43
N VAL A 258 -36.88 -18.64 -21.23
CA VAL A 258 -37.38 -18.14 -19.95
C VAL A 258 -38.36 -16.93 -20.04
N GLY A 259 -38.73 -16.53 -21.26
CA GLY A 259 -39.68 -15.43 -21.46
C GLY A 259 -39.05 -14.06 -21.35
N GLU A 260 -39.46 -13.12 -22.22
CA GLU A 260 -38.97 -11.73 -22.18
C GLU A 260 -39.38 -11.08 -20.86
N GLU A 261 -40.54 -11.50 -20.35
CA GLU A 261 -40.98 -11.09 -19.03
C GLU A 261 -40.28 -11.96 -18.00
N HIS A 262 -39.15 -11.47 -17.50
CA HIS A 262 -38.31 -12.20 -16.56
C HIS A 262 -37.19 -11.29 -16.06
N GLU A 263 -36.86 -11.40 -14.78
CA GLU A 263 -35.91 -10.44 -14.19
C GLU A 263 -34.58 -10.48 -14.92
N ALA A 264 -33.96 -11.64 -14.97
CA ALA A 264 -32.70 -11.82 -15.68
C ALA A 264 -32.70 -11.17 -17.06
N VAL A 265 -33.76 -11.35 -17.83
CA VAL A 265 -33.78 -10.86 -19.20
C VAL A 265 -33.75 -9.35 -19.23
N LYS A 266 -34.70 -8.73 -18.56
CA LYS A 266 -34.83 -7.28 -18.65
C LYS A 266 -33.69 -6.59 -17.93
N GLU A 267 -33.11 -7.27 -16.94
CA GLU A 267 -31.93 -6.77 -16.22
C GLU A 267 -30.70 -6.68 -17.12
N LEU A 268 -30.49 -7.69 -17.95
CA LEU A 268 -29.37 -7.68 -18.88
C LEU A 268 -29.58 -6.60 -19.93
N ARG A 269 -30.80 -6.52 -20.47
CA ARG A 269 -31.07 -5.55 -21.53
C ARG A 269 -30.82 -4.13 -21.04
N GLN A 270 -31.20 -3.86 -19.80
CA GLN A 270 -30.90 -2.56 -19.19
C GLN A 270 -29.39 -2.38 -19.02
N PHE A 271 -28.74 -3.37 -18.43
CA PHE A 271 -27.30 -3.31 -18.25
C PHE A 271 -26.62 -2.92 -19.56
N PHE A 272 -26.96 -3.65 -20.61
CA PHE A 272 -26.37 -3.41 -21.90
C PHE A 272 -26.76 -2.06 -22.51
N GLU A 273 -28.01 -1.63 -22.36
CA GLU A 273 -28.39 -0.34 -22.94
C GLU A 273 -27.71 0.82 -22.21
N GLN A 274 -27.43 0.63 -20.93
CA GLN A 274 -26.84 1.69 -20.11
C GLN A 274 -25.37 1.84 -20.42
N VAL A 275 -24.67 0.72 -20.58
CA VAL A 275 -23.24 0.78 -20.93
C VAL A 275 -23.07 1.39 -22.32
N GLU A 276 -23.95 1.03 -23.25
CA GLU A 276 -23.91 1.61 -24.60
CA GLU A 276 -23.94 1.60 -24.60
C GLU A 276 -24.10 3.12 -24.51
N ALA A 277 -24.98 3.56 -23.60
CA ALA A 277 -25.18 4.99 -23.36
C ALA A 277 -23.92 5.67 -22.82
N TYR A 278 -23.30 5.05 -21.83
CA TYR A 278 -22.09 5.60 -21.22
C TYR A 278 -20.97 5.69 -22.26
N GLY A 279 -21.07 4.84 -23.28
CA GLY A 279 -20.18 4.89 -24.45
C GLY A 279 -19.08 3.86 -24.47
N TYR A 280 -19.31 2.74 -23.78
CA TYR A 280 -18.41 1.60 -23.80
C TYR A 280 -19.12 0.40 -24.42
N GLY A 281 -19.74 0.63 -25.57
CA GLY A 281 -20.49 -0.41 -26.26
C GLY A 281 -19.64 -1.59 -26.69
N ASP A 282 -18.54 -1.30 -27.36
CA ASP A 282 -17.67 -2.35 -27.90
C ASP A 282 -16.94 -3.18 -26.81
N TRP A 283 -16.88 -2.66 -25.60
CA TRP A 283 -16.13 -3.28 -24.53
C TRP A 283 -16.77 -4.55 -23.95
N VAL A 284 -18.10 -4.59 -23.92
CA VAL A 284 -18.81 -5.71 -23.30
C VAL A 284 -19.49 -6.56 -24.36
N LEU A 285 -19.87 -7.77 -23.96
CA LEU A 285 -20.71 -8.64 -24.77
C LEU A 285 -21.29 -9.76 -23.91
N PHE A 286 -22.41 -10.32 -24.34
CA PHE A 286 -23.05 -11.37 -23.58
C PHE A 286 -22.36 -12.68 -23.86
N ASP A 287 -22.18 -13.47 -22.80
CA ASP A 287 -21.62 -14.80 -22.91
C ASP A 287 -22.32 -15.71 -21.90
N ALA A 288 -23.17 -16.59 -22.40
CA ALA A 288 -23.97 -17.45 -21.52
C ALA A 288 -23.09 -18.31 -20.59
N SER A 289 -21.84 -18.56 -20.98
CA SER A 289 -20.96 -19.48 -20.25
C SER A 289 -20.46 -18.95 -18.91
N VAL A 290 -20.44 -17.62 -18.75
CA VAL A 290 -19.82 -17.01 -17.58
C VAL A 290 -20.68 -17.21 -16.35
N VAL A 291 -20.08 -17.76 -15.29
CA VAL A 291 -20.79 -18.02 -14.03
C VAL A 291 -20.02 -17.66 -12.76
N ARG A 292 -18.69 -17.66 -12.84
CA ARG A 292 -17.81 -17.32 -11.70
C ARG A 292 -17.67 -18.50 -10.76
N GLY A 293 -16.55 -18.54 -10.05
CA GLY A 293 -16.21 -19.68 -9.17
C GLY A 293 -16.39 -19.43 -7.69
N LEU A 294 -17.13 -18.38 -7.34
CA LEU A 294 -17.40 -18.01 -5.95
C LEU A 294 -18.90 -18.02 -5.69
N ALA A 295 -19.30 -18.70 -4.62
CA ALA A 295 -20.69 -19.13 -4.46
C ALA A 295 -21.66 -18.12 -3.88
N TYR A 296 -21.23 -16.86 -3.70
CA TYR A 296 -22.12 -15.84 -3.13
C TYR A 296 -22.71 -14.87 -4.14
N TYR A 297 -22.39 -15.03 -5.42
CA TYR A 297 -22.99 -14.18 -6.44
C TYR A 297 -24.46 -14.55 -6.57
N THR A 298 -25.32 -13.55 -6.74
CA THR A 298 -26.75 -13.76 -6.84
C THR A 298 -27.28 -13.49 -8.23
N GLY A 299 -26.72 -12.50 -8.91
CA GLY A 299 -27.32 -12.00 -10.14
C GLY A 299 -26.37 -11.86 -11.29
N ILE A 300 -26.13 -10.62 -11.73
CA ILE A 300 -25.23 -10.36 -12.84
C ILE A 300 -23.79 -10.68 -12.44
N VAL A 301 -23.04 -11.23 -13.40
CA VAL A 301 -21.66 -11.61 -13.18
C VAL A 301 -20.87 -11.37 -14.46
N PHE A 302 -19.58 -11.05 -14.31
CA PHE A 302 -18.74 -10.70 -15.44
C PHE A 302 -17.28 -11.03 -15.23
N GLU A 303 -16.55 -11.07 -16.33
CA GLU A 303 -15.17 -11.52 -16.32
C GLU A 303 -14.44 -10.77 -17.43
N GLY A 304 -13.31 -10.15 -17.10
CA GLY A 304 -12.49 -9.43 -18.09
C GLY A 304 -11.54 -10.39 -18.79
N PHE A 305 -11.44 -10.29 -20.12
CA PHE A 305 -10.60 -11.21 -20.88
C PHE A 305 -9.91 -10.49 -22.04
N ASP A 306 -8.77 -11.05 -22.46
CA ASP A 306 -8.06 -10.56 -23.65
C ASP A 306 -8.60 -11.28 -24.87
N ARG A 307 -8.91 -10.53 -25.92
CA ARG A 307 -9.62 -11.06 -27.10
C ARG A 307 -8.94 -12.26 -27.71
N GLU A 308 -7.60 -12.27 -27.68
CA GLU A 308 -6.80 -13.35 -28.23
C GLU A 308 -6.98 -14.64 -27.44
N GLY A 309 -7.41 -14.54 -26.19
CA GLY A 309 -7.68 -15.71 -25.36
C GLY A 309 -6.39 -16.36 -24.90
N LYS A 310 -5.47 -15.54 -24.41
CA LYS A 310 -4.14 -16.01 -24.01
C LYS A 310 -4.05 -16.31 -22.50
N PHE A 311 -4.66 -15.46 -21.67
CA PHE A 311 -4.47 -15.51 -20.21
C PHE A 311 -5.76 -15.75 -19.45
N ARG A 312 -5.62 -16.13 -18.18
CA ARG A 312 -6.75 -16.23 -17.27
C ARG A 312 -7.47 -14.87 -17.19
N ALA A 313 -8.53 -14.81 -16.42
CA ALA A 313 -9.37 -13.62 -16.38
C ALA A 313 -8.59 -12.42 -15.84
N LEU A 314 -8.64 -11.31 -16.57
CA LEU A 314 -8.12 -10.02 -16.09
C LEU A 314 -8.72 -9.62 -14.75
N CYS A 315 -10.03 -9.72 -14.67
CA CYS A 315 -10.77 -9.29 -13.51
C CYS A 315 -12.06 -10.06 -13.51
N GLY A 316 -12.76 -10.08 -12.38
CA GLY A 316 -14.09 -10.66 -12.34
C GLY A 316 -14.91 -10.20 -11.14
N GLY A 317 -16.23 -10.17 -11.31
CA GLY A 317 -17.10 -9.67 -10.27
C GLY A 317 -18.54 -10.02 -10.55
N GLY A 318 -19.45 -9.29 -9.89
CA GLY A 318 -20.88 -9.51 -10.02
C GLY A 318 -21.67 -9.07 -8.79
N ARG A 319 -22.98 -9.27 -8.83
CA ARG A 319 -23.88 -8.84 -7.74
C ARG A 319 -24.02 -9.94 -6.69
N TYR A 320 -23.98 -9.55 -5.41
CA TYR A 320 -24.11 -10.51 -4.30
C TYR A 320 -25.04 -10.02 -3.17
N ASP A 321 -26.34 -10.09 -3.41
CA ASP A 321 -27.29 -9.43 -2.52
C ASP A 321 -27.43 -10.09 -1.16
N ASN A 322 -27.31 -11.41 -1.12
CA ASN A 322 -27.63 -12.16 0.10
C ASN A 322 -26.48 -12.32 1.07
N LEU A 323 -25.25 -12.07 0.61
CA LEU A 323 -24.07 -12.31 1.42
C LEU A 323 -24.11 -11.61 2.78
N LEU A 324 -24.53 -10.34 2.78
CA LEU A 324 -24.54 -9.56 4.02
CA LEU A 324 -24.55 -9.56 4.03
C LEU A 324 -25.57 -10.10 5.03
N THR A 325 -26.62 -10.73 4.53
CA THR A 325 -27.56 -11.39 5.39
C THR A 325 -26.86 -12.62 5.98
N THR A 326 -26.09 -13.32 5.14
CA THR A 326 -25.35 -14.51 5.56
C THR A 326 -24.40 -14.28 6.72
N TYR A 327 -23.76 -13.10 6.74
CA TYR A 327 -22.91 -12.74 7.88
C TYR A 327 -23.72 -12.17 9.05
N GLY A 328 -25.01 -11.91 8.82
CA GLY A 328 -25.94 -11.59 9.90
C GLY A 328 -26.50 -10.17 9.93
N SER A 329 -26.68 -9.54 8.76
CA SER A 329 -27.28 -8.20 8.72
C SER A 329 -28.76 -8.27 8.99
N PRO A 330 -29.24 -7.51 10.00
CA PRO A 330 -30.65 -7.60 10.38
C PRO A 330 -31.62 -7.19 9.24
N THR A 331 -31.07 -6.69 8.14
CA THR A 331 -31.83 -6.41 6.93
C THR A 331 -30.91 -6.54 5.69
N PRO A 332 -31.32 -7.35 4.70
CA PRO A 332 -30.44 -7.69 3.56
C PRO A 332 -29.98 -6.47 2.77
N ILE A 333 -28.72 -6.46 2.35
CA ILE A 333 -28.12 -5.26 1.75
C ILE A 333 -27.50 -5.56 0.40
N PRO A 334 -28.13 -5.07 -0.68
CA PRO A 334 -27.60 -5.34 -2.01
C PRO A 334 -26.16 -4.88 -2.21
N CYS A 335 -25.36 -5.69 -2.91
CA CYS A 335 -23.98 -5.34 -3.21
C CYS A 335 -23.60 -5.83 -4.60
N ALA A 336 -22.70 -5.10 -5.23
CA ALA A 336 -22.07 -5.57 -6.45
C ALA A 336 -20.65 -5.04 -6.42
N GLY A 337 -19.74 -5.73 -7.08
CA GLY A 337 -18.35 -5.34 -7.05
C GLY A 337 -17.45 -6.38 -7.69
N PHE A 338 -16.22 -5.97 -8.00
CA PHE A 338 -15.30 -6.86 -8.69
C PHE A 338 -13.91 -6.79 -8.12
N GLY A 339 -13.10 -7.79 -8.46
CA GLY A 339 -11.67 -7.83 -8.14
C GLY A 339 -10.86 -7.77 -9.42
N PHE A 340 -9.71 -7.13 -9.36
CA PHE A 340 -8.92 -6.88 -10.56
C PHE A 340 -7.45 -7.13 -10.24
N GLY A 341 -6.94 -8.27 -10.71
CA GLY A 341 -5.60 -8.70 -10.35
C GLY A 341 -4.51 -7.83 -10.93
N ASP A 342 -3.34 -7.90 -10.31
CA ASP A 342 -2.19 -7.13 -10.74
C ASP A 342 -1.21 -7.96 -11.55
N CYS A 343 -1.56 -9.21 -11.83
CA CYS A 343 -0.64 -10.12 -12.51
C CYS A 343 -1.01 -10.26 -13.96
N VAL A 344 -2.13 -10.92 -14.24
CA VAL A 344 -2.56 -11.13 -15.61
C VAL A 344 -2.50 -9.84 -16.40
N ILE A 345 -3.11 -8.79 -15.87
CA ILE A 345 -3.13 -7.51 -16.55
C ILE A 345 -1.74 -7.08 -17.03
N VAL A 346 -0.73 -7.30 -16.21
CA VAL A 346 0.63 -6.93 -16.58
C VAL A 346 1.19 -7.81 -17.69
N GLU A 347 0.91 -9.11 -17.62
CA GLU A 347 1.29 -10.03 -18.68
C GLU A 347 0.82 -9.45 -20.02
N LEU A 348 -0.39 -8.90 -20.02
CA LEU A 348 -1.02 -8.41 -21.24
C LEU A 348 -0.40 -7.11 -21.71
N LEU A 349 -0.16 -6.21 -20.77
CA LEU A 349 0.45 -4.94 -21.10
C LEU A 349 1.87 -5.16 -21.65
N GLN A 350 2.61 -6.09 -21.04
CA GLN A 350 3.95 -6.45 -21.53
C GLN A 350 3.91 -7.12 -22.88
N GLU A 351 2.84 -7.85 -23.21
CA GLU A 351 2.69 -8.47 -24.53
C GLU A 351 2.31 -7.44 -25.59
N LYS A 352 1.65 -6.37 -25.16
CA LYS A 352 1.28 -5.28 -26.05
C LYS A 352 2.28 -4.13 -25.97
N ARG A 353 3.43 -4.37 -25.38
CA ARG A 353 4.50 -3.37 -25.22
C ARG A 353 3.95 -2.03 -24.70
N LEU A 354 3.14 -2.08 -23.64
CA LEU A 354 2.57 -0.89 -23.00
C LEU A 354 3.15 -0.63 -21.63
N LEU A 355 4.21 -1.36 -21.26
CA LEU A 355 4.87 -1.15 -19.98
C LEU A 355 6.33 -0.78 -20.19
N PRO A 356 6.57 0.33 -20.92
CA PRO A 356 7.93 0.75 -21.12
C PRO A 356 8.51 1.18 -19.79
N ASP A 357 9.64 0.61 -19.42
CA ASP A 357 10.30 1.00 -18.19
C ASP A 357 10.55 2.50 -18.29
N ILE A 358 10.04 3.25 -17.32
CA ILE A 358 10.40 4.65 -17.18
C ILE A 358 11.32 4.74 -16.00
N PRO A 359 12.61 5.02 -16.24
CA PRO A 359 13.64 4.98 -15.21
C PRO A 359 13.55 6.13 -14.22
N HIS A 360 14.13 5.92 -13.04
CA HIS A 360 14.16 6.94 -11.98
C HIS A 360 14.77 8.25 -12.48
N VAL A 361 14.13 9.37 -12.13
CA VAL A 361 14.75 10.70 -12.27
C VAL A 361 14.66 11.60 -11.01
N VAL A 362 15.55 12.58 -10.92
CA VAL A 362 15.51 13.57 -9.85
C VAL A 362 15.84 14.94 -10.42
N ASP A 363 15.22 16.00 -9.90
CA ASP A 363 15.45 17.33 -10.44
C ASP A 363 16.93 17.71 -10.39
N ASP A 364 17.56 17.65 -9.23
CA ASP A 364 18.92 18.20 -9.08
C ASP A 364 19.87 17.33 -8.29
N VAL A 365 21.15 17.37 -8.68
CA VAL A 365 22.20 16.73 -7.90
C VAL A 365 23.22 17.76 -7.44
N VAL A 366 23.40 17.87 -6.13
CA VAL A 366 24.27 18.88 -5.54
C VAL A 366 25.65 18.32 -5.28
N ILE A 367 26.62 18.82 -6.04
CA ILE A 367 28.01 18.38 -5.93
C ILE A 367 28.85 19.38 -5.10
N PRO A 368 29.27 18.97 -3.90
CA PRO A 368 30.24 19.80 -3.23
C PRO A 368 31.60 19.66 -3.92
N PHE A 369 32.25 20.77 -4.19
CA PHE A 369 33.47 20.74 -4.97
C PHE A 369 34.52 19.90 -4.28
N ASP A 370 34.80 20.24 -3.03
CA ASP A 370 35.56 19.39 -2.13
C ASP A 370 34.75 19.31 -0.86
N GLU A 371 35.23 18.59 0.15
CA GLU A 371 34.42 18.42 1.35
C GLU A 371 34.29 19.70 2.18
N SER A 372 35.20 20.64 2.00
CA SER A 372 35.09 21.90 2.72
C SER A 372 33.82 22.65 2.32
N MET A 373 33.36 22.46 1.08
CA MET A 373 32.11 23.08 0.60
C MET A 373 30.85 22.36 1.08
N ARG A 374 30.99 21.16 1.63
CA ARG A 374 29.85 20.34 2.03
C ARG A 374 28.78 21.09 2.80
N PRO A 375 29.15 21.86 3.83
CA PRO A 375 28.13 22.58 4.59
C PRO A 375 27.39 23.63 3.77
N HIS A 376 28.09 24.26 2.84
CA HIS A 376 27.41 25.14 1.91
C HIS A 376 26.54 24.33 0.94
N ALA A 377 27.07 23.23 0.42
CA ALA A 377 26.28 22.35 -0.46
C ALA A 377 24.95 22.04 0.19
N LEU A 378 24.99 21.61 1.43
CA LEU A 378 23.78 21.30 2.20
C LEU A 378 22.81 22.47 2.24
N ALA A 379 23.33 23.63 2.61
CA ALA A 379 22.55 24.87 2.56
C ALA A 379 21.78 24.95 1.25
N VAL A 380 22.48 24.68 0.14
CA VAL A 380 21.91 24.80 -1.22
C VAL A 380 20.86 23.73 -1.46
N LEU A 381 21.13 22.54 -0.97
CA LEU A 381 20.24 21.42 -1.14
C LEU A 381 18.93 21.73 -0.45
N ARG A 382 19.01 22.20 0.79
CA ARG A 382 17.81 22.62 1.52
C ARG A 382 16.96 23.61 0.71
N ARG A 383 17.65 24.60 0.15
CA ARG A 383 17.01 25.65 -0.63
C ARG A 383 16.22 25.11 -1.82
N LEU A 384 16.72 24.05 -2.44
CA LEU A 384 16.05 23.46 -3.58
C LEU A 384 14.88 22.62 -3.11
N ARG A 385 15.09 21.80 -2.10
CA ARG A 385 14.01 20.97 -1.57
C ARG A 385 12.87 21.82 -1.07
N ASP A 386 13.20 23.01 -0.54
CA ASP A 386 12.18 23.95 -0.11
C ASP A 386 11.39 24.44 -1.31
N ALA A 387 12.09 24.80 -2.37
CA ALA A 387 11.44 25.32 -3.59
C ALA A 387 10.69 24.21 -4.29
N GLY A 388 10.49 23.10 -3.62
CA GLY A 388 9.66 22.03 -4.12
C GLY A 388 10.34 21.17 -5.15
N ARG A 389 11.65 21.24 -5.24
CA ARG A 389 12.39 20.39 -6.14
C ARG A 389 12.65 19.07 -5.48
N SER A 390 12.99 18.08 -6.29
CA SER A 390 13.43 16.79 -5.80
C SER A 390 14.92 16.77 -6.01
N ALA A 391 15.71 16.63 -4.95
CA ALA A 391 17.12 16.78 -5.15
C ALA A 391 17.93 15.91 -4.22
N ASP A 392 19.17 15.73 -4.62
CA ASP A 392 20.03 14.70 -4.11
C ASP A 392 21.40 15.33 -3.91
N ILE A 393 22.27 14.68 -3.15
CA ILE A 393 23.59 15.26 -2.87
C ILE A 393 24.60 14.14 -2.71
N ILE A 394 25.80 14.37 -3.23
CA ILE A 394 26.86 13.38 -3.09
C ILE A 394 27.24 13.31 -1.64
N LEU A 395 27.15 12.13 -1.06
CA LEU A 395 27.26 11.97 0.39
C LEU A 395 28.68 11.61 0.81
N ASP A 396 29.32 10.72 0.07
CA ASP A 396 30.74 10.42 0.33
C ASP A 396 31.66 11.38 -0.43
N LYS A 397 32.88 11.48 0.04
CA LYS A 397 33.92 12.18 -0.67
C LYS A 397 34.11 11.44 -1.96
N LYS A 398 33.87 12.10 -3.09
CA LYS A 398 34.28 11.56 -4.37
C LYS A 398 34.58 12.61 -5.43
N LYS A 399 35.43 12.24 -6.37
CA LYS A 399 35.98 13.16 -7.36
C LYS A 399 34.92 13.74 -8.30
N VAL A 400 35.31 14.76 -9.05
CA VAL A 400 34.34 15.59 -9.77
C VAL A 400 33.65 14.79 -10.86
N VAL A 401 34.43 14.03 -11.60
CA VAL A 401 33.87 13.16 -12.63
C VAL A 401 32.83 12.25 -11.98
N GLN A 402 33.24 11.47 -10.97
CA GLN A 402 32.34 10.52 -10.29
C GLN A 402 31.00 11.17 -10.00
N ALA A 403 31.04 12.37 -9.46
CA ALA A 403 29.82 13.11 -9.17
C ALA A 403 28.95 13.16 -10.42
N PHE A 404 29.52 13.66 -11.53
CA PHE A 404 28.75 13.80 -12.76
C PHE A 404 28.27 12.46 -13.20
N ASN A 405 29.09 11.45 -12.99
CA ASN A 405 28.67 10.11 -13.30
C ASN A 405 27.45 9.75 -12.48
N TYR A 406 27.48 10.02 -11.18
CA TYR A 406 26.32 9.77 -10.31
C TYR A 406 25.10 10.50 -10.85
N ALA A 407 25.26 11.77 -11.18
CA ALA A 407 24.16 12.57 -11.73
C ALA A 407 23.50 11.83 -12.88
N ASP A 408 24.30 11.34 -13.81
CA ASP A 408 23.76 10.57 -14.91
C ASP A 408 23.05 9.32 -14.45
N ARG A 409 23.59 8.61 -13.46
CA ARG A 409 23.00 7.32 -13.04
C ARG A 409 21.59 7.55 -12.52
N VAL A 410 21.48 8.41 -11.53
CA VAL A 410 20.20 8.72 -10.92
C VAL A 410 19.28 9.54 -11.83
N GLY A 411 19.75 9.87 -13.03
CA GLY A 411 18.94 10.59 -14.00
C GLY A 411 18.59 12.00 -13.56
N ALA A 412 19.59 12.81 -13.28
CA ALA A 412 19.36 14.17 -12.85
C ALA A 412 19.13 15.07 -14.04
N VAL A 413 18.21 16.01 -13.89
CA VAL A 413 17.96 17.02 -14.90
C VAL A 413 19.03 18.12 -14.84
N ARG A 414 19.64 18.28 -13.67
CA ARG A 414 20.60 19.36 -13.46
C ARG A 414 21.62 19.06 -12.35
N ALA A 415 22.87 19.44 -12.63
CA ALA A 415 23.96 19.26 -11.69
C ALA A 415 24.37 20.61 -11.15
N VAL A 416 24.18 20.83 -9.86
CA VAL A 416 24.58 22.06 -9.20
C VAL A 416 25.87 21.83 -8.45
N LEU A 417 26.99 22.18 -9.07
CA LEU A 417 28.28 22.07 -8.42
C LEU A 417 28.52 23.30 -7.56
N VAL A 418 28.87 23.09 -6.30
CA VAL A 418 29.04 24.16 -5.33
C VAL A 418 30.52 24.39 -5.08
N ALA A 419 31.11 25.26 -5.89
CA ALA A 419 32.56 25.50 -5.83
C ALA A 419 32.84 26.75 -5.03
N PRO A 420 34.09 26.91 -4.58
CA PRO A 420 34.41 27.96 -3.63
C PRO A 420 34.54 29.33 -4.28
N GLU A 421 35.32 29.41 -5.36
CA GLU A 421 35.48 30.66 -6.07
C GLU A 421 34.10 31.30 -6.31
N GLU A 422 33.16 30.51 -6.82
CA GLU A 422 31.80 30.99 -7.07
C GLU A 422 31.08 31.33 -5.77
N TRP A 423 31.14 30.42 -4.80
CA TRP A 423 30.41 30.57 -3.54
C TRP A 423 30.73 31.89 -2.86
N GLU A 424 31.99 32.29 -2.93
CA GLU A 424 32.36 33.56 -2.31
C GLU A 424 31.63 34.72 -3.01
N ARG A 425 31.51 34.67 -4.34
CA ARG A 425 30.69 35.63 -5.07
C ARG A 425 29.18 35.36 -4.92
N GLY A 426 28.78 34.50 -3.98
CA GLY A 426 27.38 34.11 -3.81
C GLY A 426 26.74 33.44 -5.03
N GLU A 427 27.40 32.43 -5.57
CA GLU A 427 26.94 31.75 -6.76
C GLU A 427 27.31 30.27 -6.71
N VAL A 428 26.71 29.51 -7.63
CA VAL A 428 27.07 28.12 -7.82
C VAL A 428 27.11 27.84 -9.32
N GLN A 429 27.65 26.69 -9.70
CA GLN A 429 27.75 26.32 -11.10
C GLN A 429 26.61 25.39 -11.46
N VAL A 430 26.20 25.44 -12.70
CA VAL A 430 25.06 24.68 -13.15
C VAL A 430 25.31 24.08 -14.51
N LYS A 431 25.19 22.77 -14.60
CA LYS A 431 25.25 22.08 -15.88
C LYS A 431 23.91 21.40 -16.12
N MET A 432 23.48 21.40 -17.38
CA MET A 432 22.17 20.90 -17.80
C MET A 432 22.30 19.63 -18.66
N LEU A 433 21.39 18.68 -18.48
CA LEU A 433 21.65 17.28 -18.87
C LEU A 433 20.58 16.59 -19.73
N PHE A 448 27.51 27.36 -16.34
CA PHE A 448 27.89 28.77 -16.18
C PHE A 448 27.43 29.27 -14.82
N ALA A 449 28.09 30.30 -14.30
CA ALA A 449 27.89 30.71 -12.91
C ALA A 449 26.51 31.29 -12.73
N VAL A 450 25.79 30.77 -11.72
CA VAL A 450 24.47 31.27 -11.37
C VAL A 450 24.41 31.65 -9.89
N PRO A 451 23.91 32.84 -9.58
CA PRO A 451 23.67 33.21 -8.19
C PRO A 451 22.45 32.52 -7.65
N LEU A 452 22.33 32.52 -6.34
CA LEU A 452 21.33 31.70 -5.67
C LEU A 452 19.93 32.20 -6.01
N ASP A 453 19.70 33.50 -5.89
CA ASP A 453 18.35 33.99 -6.15
C ASP A 453 17.86 33.57 -7.55
N ARG A 454 18.75 33.48 -8.53
CA ARG A 454 18.33 33.00 -9.88
C ARG A 454 18.38 31.46 -10.09
N LEU A 455 18.62 30.70 -9.02
CA LEU A 455 18.63 29.24 -9.08
C LEU A 455 17.23 28.65 -8.88
N VAL A 456 16.55 29.13 -7.85
CA VAL A 456 15.21 28.67 -7.47
C VAL A 456 14.38 29.74 -6.81
N VAL B 27 -20.90 -14.08 12.54
CA VAL B 27 -21.52 -12.74 12.80
C VAL B 27 -20.48 -11.76 13.36
N GLU B 28 -19.20 -12.12 13.26
CA GLU B 28 -18.14 -11.49 14.06
C GLU B 28 -17.54 -10.29 13.34
N THR B 29 -17.63 -9.10 13.96
CA THR B 29 -17.20 -7.83 13.31
C THR B 29 -15.79 -7.33 13.67
N GLU B 30 -15.34 -7.55 14.90
CA GLU B 30 -14.05 -7.01 15.35
C GLU B 30 -12.85 -7.65 14.64
N PRO B 31 -11.75 -6.89 14.47
CA PRO B 31 -10.61 -7.41 13.74
C PRO B 31 -9.71 -8.29 14.59
N VAL B 32 -8.84 -9.04 13.94
CA VAL B 32 -7.98 -9.99 14.61
C VAL B 32 -7.08 -9.29 15.62
N GLN B 33 -7.05 -9.78 16.85
CA GLN B 33 -6.09 -9.30 17.87
C GLN B 33 -5.98 -7.77 17.90
N GLY B 34 -4.76 -7.26 18.03
CA GLY B 34 -4.52 -5.82 18.09
C GLY B 34 -4.21 -5.22 16.74
N CYS B 35 -5.00 -5.61 15.74
CA CYS B 35 -4.91 -5.04 14.41
C CYS B 35 -5.97 -3.96 14.26
N ARG B 36 -5.74 -3.08 13.29
CA ARG B 36 -6.66 -1.99 13.02
C ARG B 36 -7.40 -2.23 11.75
N ASP B 37 -8.72 -2.00 11.78
CA ASP B 37 -9.49 -1.86 10.56
C ASP B 37 -9.26 -0.46 10.05
N PHE B 38 -9.38 -0.28 8.74
CA PHE B 38 -9.26 1.03 8.12
C PHE B 38 -10.46 1.33 7.25
N PRO B 39 -11.58 1.73 7.85
CA PRO B 39 -12.68 2.25 7.04
C PRO B 39 -12.34 3.65 6.52
N PRO B 40 -13.05 4.11 5.48
CA PRO B 40 -12.75 5.33 4.73
C PRO B 40 -12.34 6.52 5.58
N GLU B 41 -13.05 6.71 6.69
CA GLU B 41 -12.79 7.81 7.59
CA GLU B 41 -12.78 7.81 7.59
C GLU B 41 -11.36 7.69 8.11
N ALA B 42 -11.04 6.52 8.67
CA ALA B 42 -9.71 6.28 9.20
C ALA B 42 -8.70 6.20 8.06
N MET B 43 -9.09 5.53 7.00
CA MET B 43 -8.21 5.32 5.87
C MET B 43 -7.67 6.65 5.34
N ARG B 44 -8.48 7.71 5.34
CA ARG B 44 -8.03 9.02 4.85
C ARG B 44 -6.83 9.53 5.65
N CYS B 45 -6.96 9.42 6.97
CA CYS B 45 -5.88 9.76 7.88
C CYS B 45 -4.61 9.02 7.50
N ARG B 46 -4.73 7.75 7.15
CA ARG B 46 -3.56 6.99 6.74
C ARG B 46 -2.96 7.58 5.48
N ARG B 47 -3.78 7.75 4.45
CA ARG B 47 -3.33 8.35 3.20
C ARG B 47 -2.63 9.67 3.43
N HIS B 48 -3.25 10.54 4.22
CA HIS B 48 -2.63 11.82 4.59
C HIS B 48 -1.20 11.60 5.12
N LEU B 49 -1.01 10.57 5.94
CA LEU B 49 0.30 10.28 6.49
C LEU B 49 1.25 9.75 5.44
N PHE B 50 0.80 8.77 4.68
CA PHE B 50 1.66 8.10 3.71
C PHE B 50 2.11 9.06 2.64
N ASP B 51 1.18 9.90 2.20
CA ASP B 51 1.45 10.89 1.17
C ASP B 51 2.66 11.78 1.54
N VAL B 52 2.76 12.16 2.80
CA VAL B 52 3.95 12.87 3.30
C VAL B 52 5.17 11.97 3.23
N PHE B 53 5.01 10.71 3.61
CA PHE B 53 6.12 9.78 3.59
C PHE B 53 6.71 9.72 2.19
N HIS B 54 5.83 9.50 1.20
CA HIS B 54 6.20 9.46 -0.23
C HIS B 54 6.79 10.78 -0.75
N ALA B 55 6.09 11.89 -0.49
CA ALA B 55 6.57 13.19 -0.95
C ALA B 55 7.98 13.48 -0.45
N THR B 56 8.22 13.17 0.82
CA THR B 56 9.50 13.42 1.46
C THR B 56 10.58 12.58 0.82
N ALA B 57 10.27 11.30 0.62
CA ALA B 57 11.17 10.41 -0.09
C ALA B 57 11.56 11.07 -1.39
N LYS B 58 10.57 11.32 -2.25
CA LYS B 58 10.80 11.96 -3.55
C LYS B 58 11.62 13.24 -3.41
N THR B 59 11.18 14.15 -2.54
CA THR B 59 11.93 15.38 -2.30
C THR B 59 13.38 15.08 -1.94
N PHE B 60 13.62 13.97 -1.24
CA PHE B 60 14.97 13.57 -0.85
C PHE B 60 15.63 12.60 -1.82
N GLY B 61 14.90 12.20 -2.85
CA GLY B 61 15.47 11.37 -3.91
C GLY B 61 15.64 9.92 -3.53
N PHE B 62 14.64 9.36 -2.85
CA PHE B 62 14.62 7.93 -2.57
C PHE B 62 13.74 7.22 -3.60
N GLU B 63 14.10 5.97 -3.92
CA GLU B 63 13.29 5.11 -4.79
C GLU B 63 12.45 4.13 -3.97
N GLU B 64 11.22 3.89 -4.38
CA GLU B 64 10.35 3.03 -3.61
C GLU B 64 10.60 1.58 -3.99
N TYR B 65 10.57 0.70 -2.96
CA TYR B 65 10.56 -0.76 -3.12
C TYR B 65 9.59 -1.42 -2.16
N ASP B 66 9.37 -2.72 -2.36
CA ASP B 66 8.51 -3.53 -1.48
C ASP B 66 8.87 -5.01 -1.59
N ALA B 67 8.73 -5.73 -0.48
CA ALA B 67 8.91 -7.18 -0.48
C ALA B 67 7.59 -7.79 -0.07
N PRO B 68 7.47 -9.12 -0.11
CA PRO B 68 6.27 -9.76 0.43
C PRO B 68 6.23 -9.65 1.94
N VAL B 69 5.04 -9.50 2.51
CA VAL B 69 4.93 -9.33 3.97
C VAL B 69 5.34 -10.62 4.69
N LEU B 70 5.09 -11.74 4.03
CA LEU B 70 5.45 -13.04 4.54
C LEU B 70 6.85 -13.41 4.05
N GLU B 71 7.70 -13.85 4.95
CA GLU B 71 9.08 -14.21 4.64
C GLU B 71 9.45 -15.55 5.26
N SER B 72 10.60 -16.08 4.88
CA SER B 72 11.11 -17.30 5.49
C SER B 72 11.46 -17.06 6.94
N GLU B 73 11.20 -18.05 7.79
CA GLU B 73 11.55 -17.96 9.18
C GLU B 73 13.06 -17.76 9.27
N GLU B 74 13.80 -18.58 8.53
CA GLU B 74 15.27 -18.55 8.54
C GLU B 74 15.86 -17.15 8.53
N LEU B 75 15.24 -16.25 7.79
CA LEU B 75 15.76 -14.89 7.60
C LEU B 75 16.03 -14.10 8.88
N TYR B 76 15.25 -14.35 9.93
CA TYR B 76 15.36 -13.58 11.15
C TYR B 76 16.12 -14.31 12.25
N ILE B 77 17.05 -15.20 11.86
CA ILE B 77 17.88 -15.93 12.85
C ILE B 77 19.15 -15.13 13.18
N ARG B 78 19.07 -14.39 14.29
CA ARG B 78 20.23 -13.68 14.87
C ARG B 78 20.40 -14.11 16.33
N LYS B 79 19.32 -13.97 17.11
CA LYS B 79 19.28 -14.41 18.51
C LYS B 79 20.37 -13.78 19.38
N ALA B 80 20.45 -12.45 19.36
CA ALA B 80 21.44 -11.70 20.15
C ALA B 80 20.85 -11.21 21.49
N GLY B 81 20.12 -12.11 22.17
CA GLY B 81 19.42 -11.78 23.42
C GLY B 81 18.22 -10.86 23.22
N GLU B 82 17.75 -10.74 21.98
CA GLU B 82 16.71 -9.78 21.62
C GLU B 82 15.32 -10.22 22.11
N GLU B 83 14.36 -9.29 22.02
CA GLU B 83 12.96 -9.58 22.31
C GLU B 83 12.15 -9.88 21.04
N ILE B 84 12.72 -9.58 19.87
CA ILE B 84 12.00 -9.71 18.59
C ILE B 84 11.91 -11.16 18.05
N THR B 85 12.77 -12.05 18.55
CA THR B 85 12.81 -13.45 18.07
C THR B 85 11.56 -14.28 18.41
N GLU B 86 10.99 -14.06 19.59
CA GLU B 86 9.79 -14.80 20.01
C GLU B 86 8.50 -14.02 19.71
N GLN B 87 8.59 -12.70 19.69
CA GLN B 87 7.48 -11.82 19.28
C GLN B 87 7.22 -11.96 17.78
N MET B 88 6.91 -13.17 17.33
CA MET B 88 6.87 -13.48 15.90
C MET B 88 5.54 -14.13 15.52
N PHE B 89 5.02 -13.76 14.35
CA PHE B 89 3.89 -14.48 13.77
C PHE B 89 4.45 -15.53 12.85
N ASN B 90 4.90 -16.64 13.43
CA ASN B 90 5.54 -17.72 12.67
C ASN B 90 4.64 -18.93 12.53
N PHE B 91 4.72 -19.59 11.38
CA PHE B 91 3.96 -20.81 11.14
C PHE B 91 4.54 -21.61 9.98
N ILE B 92 3.87 -22.72 9.64
CA ILE B 92 4.35 -23.61 8.58
C ILE B 92 3.30 -23.77 7.49
N THR B 93 3.75 -23.72 6.24
CA THR B 93 2.87 -23.91 5.09
C THR B 93 2.75 -25.38 4.70
N HIS B 97 8.54 -24.80 2.80
CA HIS B 97 9.28 -24.58 4.04
C HIS B 97 8.50 -23.63 4.99
N ARG B 98 8.93 -23.55 6.25
CA ARG B 98 8.26 -22.75 7.29
C ARG B 98 8.48 -21.25 7.11
N VAL B 99 7.62 -20.44 7.75
CA VAL B 99 7.57 -19.01 7.47
C VAL B 99 7.12 -18.14 8.63
N ALA B 100 7.17 -16.83 8.44
CA ALA B 100 6.70 -15.86 9.43
C ALA B 100 6.38 -14.51 8.77
N LEU B 101 5.43 -13.78 9.33
CA LEU B 101 5.10 -12.44 8.86
C LEU B 101 6.11 -11.45 9.42
N ARG B 102 6.72 -10.65 8.54
CA ARG B 102 7.83 -9.76 8.92
C ARG B 102 7.51 -8.86 10.11
N PRO B 103 8.48 -8.71 11.04
CA PRO B 103 8.37 -7.72 12.12
C PRO B 103 9.21 -6.46 11.89
N GLU B 104 10.12 -6.54 10.91
CA GLU B 104 10.88 -5.38 10.46
C GLU B 104 11.26 -5.59 8.99
N MET B 105 11.47 -4.48 8.27
CA MET B 105 11.70 -4.54 6.82
C MET B 105 13.15 -4.82 6.50
N THR B 106 14.05 -4.26 7.32
CA THR B 106 15.49 -4.27 7.05
C THR B 106 16.03 -5.61 6.57
N PRO B 107 15.72 -6.70 7.29
CA PRO B 107 16.22 -7.97 6.79
C PRO B 107 15.79 -8.20 5.35
N SER B 108 14.50 -8.00 5.09
CA SER B 108 13.96 -8.19 3.75
C SER B 108 14.67 -7.29 2.73
N LEU B 109 15.10 -6.10 3.15
CA LEU B 109 15.86 -5.20 2.29
C LEU B 109 17.16 -5.86 1.97
N ALA B 110 17.87 -6.24 3.01
CA ALA B 110 19.16 -6.85 2.86
C ALA B 110 19.03 -7.97 1.85
N ARG B 111 17.98 -8.76 1.95
CA ARG B 111 17.83 -9.89 1.05
C ARG B 111 17.79 -9.43 -0.40
N LEU B 112 16.86 -8.52 -0.69
CA LEU B 112 16.74 -7.90 -2.01
C LEU B 112 18.06 -7.29 -2.50
N LEU B 113 18.72 -6.53 -1.64
CA LEU B 113 19.99 -5.91 -1.99
C LEU B 113 20.97 -6.97 -2.44
N LEU B 114 21.29 -7.90 -1.56
CA LEU B 114 22.22 -8.98 -1.89
C LEU B 114 21.75 -9.72 -3.12
N GLY B 115 20.44 -9.88 -3.27
CA GLY B 115 19.88 -10.55 -4.43
C GLY B 115 20.28 -9.87 -5.72
N LYS B 116 20.20 -8.54 -5.72
CA LYS B 116 20.61 -7.74 -6.88
C LYS B 116 22.07 -8.02 -7.27
N GLY B 117 22.89 -8.40 -6.30
CA GLY B 117 24.23 -8.89 -6.56
C GLY B 117 25.13 -7.84 -7.16
N ARG B 118 25.94 -8.24 -8.13
CA ARG B 118 26.84 -7.33 -8.84
C ARG B 118 26.07 -6.22 -9.56
N SER B 119 24.84 -6.49 -9.96
CA SER B 119 24.01 -5.49 -10.66
C SER B 119 23.59 -4.31 -9.76
N LEU B 120 23.85 -4.40 -8.46
CA LEU B 120 23.46 -3.34 -7.54
C LEU B 120 24.35 -2.11 -7.67
N LEU B 121 23.74 -0.98 -8.02
CA LEU B 121 24.46 0.26 -8.23
C LEU B 121 24.40 1.09 -6.98
N LEU B 122 25.56 1.58 -6.53
CA LEU B 122 25.68 2.29 -5.25
C LEU B 122 26.30 3.68 -5.40
N PRO B 123 25.97 4.62 -4.50
CA PRO B 123 25.10 4.42 -3.37
C PRO B 123 23.71 4.21 -3.86
N ALA B 124 22.87 3.62 -3.02
CA ALA B 124 21.46 3.47 -3.33
C ALA B 124 20.66 4.04 -2.18
N LYS B 125 19.51 4.64 -2.51
CA LYS B 125 18.64 5.29 -1.55
C LYS B 125 17.22 4.74 -1.73
N TRP B 126 16.85 3.77 -0.90
CA TRP B 126 15.61 3.02 -1.08
C TRP B 126 14.63 3.23 0.07
N TYR B 127 13.34 3.34 -0.25
CA TYR B 127 12.33 3.50 0.80
C TYR B 127 11.08 2.65 0.57
N SER B 128 10.32 2.47 1.66
CA SER B 128 9.09 1.69 1.59
CA SER B 128 9.12 1.65 1.62
C SER B 128 8.24 1.91 2.83
N ILE B 129 6.96 1.56 2.71
CA ILE B 129 5.99 1.72 3.79
C ILE B 129 5.30 0.39 4.00
N PRO B 130 6.06 -0.59 4.54
CA PRO B 130 5.53 -1.92 4.76
C PRO B 130 4.80 -2.05 6.06
N GLN B 131 3.80 -2.93 6.09
CA GLN B 131 3.17 -3.38 7.32
C GLN B 131 4.13 -4.32 8.02
N CYS B 132 3.99 -4.39 9.34
CA CYS B 132 4.86 -5.20 10.17
C CYS B 132 4.10 -5.80 11.33
N TRP B 133 4.54 -6.99 11.72
CA TRP B 133 3.80 -7.83 12.65
C TRP B 133 4.65 -8.31 13.82
N ARG B 134 4.36 -7.74 14.99
CA ARG B 134 5.02 -8.08 16.23
C ARG B 134 3.95 -8.61 17.19
N TYR B 135 4.15 -9.82 17.69
CA TYR B 135 3.24 -10.42 18.70
C TYR B 135 3.56 -9.73 20.04
N GLU B 136 3.27 -8.43 20.10
CA GLU B 136 3.77 -7.52 21.15
C GLU B 136 2.66 -7.28 22.18
N ALA B 137 2.66 -6.12 22.84
CA ALA B 137 1.79 -5.89 23.99
C ALA B 137 0.63 -4.90 23.73
N ILE B 138 0.16 -4.84 22.48
CA ILE B 138 -1.06 -4.09 22.13
C ILE B 138 -1.03 -2.57 22.50
N THR B 139 -1.56 -2.20 23.67
CA THR B 139 -1.58 -0.78 24.10
C THR B 139 -0.22 -0.38 24.71
N ARG B 140 0.16 0.90 24.73
CA ARG B 140 -0.65 2.04 24.28
C ARG B 140 -0.53 2.23 22.78
N GLY B 141 0.61 2.76 22.35
CA GLY B 141 0.88 3.03 20.93
C GLY B 141 1.88 2.02 20.39
N ARG B 142 1.64 0.75 20.71
CA ARG B 142 2.44 -0.34 20.17
C ARG B 142 1.52 -1.53 19.89
N ARG B 143 0.64 -1.35 18.89
CA ARG B 143 -0.35 -2.36 18.49
C ARG B 143 0.28 -3.56 17.79
N ARG B 144 -0.45 -4.68 17.72
CA ARG B 144 0.10 -5.92 17.19
C ARG B 144 0.44 -5.89 15.68
N GLU B 145 0.03 -4.85 14.97
CA GLU B 145 0.41 -4.64 13.58
C GLU B 145 0.59 -3.17 13.35
N HIS B 146 1.53 -2.81 12.51
CA HIS B 146 1.77 -1.41 12.26
C HIS B 146 2.46 -1.22 10.94
N TYR B 147 2.20 -0.07 10.33
CA TYR B 147 2.91 0.32 9.14
C TYR B 147 4.15 1.07 9.58
N GLN B 148 5.21 0.96 8.79
CA GLN B 148 6.49 1.53 9.15
C GLN B 148 7.18 2.07 7.91
N TRP B 149 7.39 3.39 7.88
CA TRP B 149 8.09 4.02 6.76
C TRP B 149 9.60 3.78 6.87
N ASN B 150 10.18 3.01 5.95
CA ASN B 150 11.61 2.78 5.99
C ASN B 150 12.37 3.58 4.97
N MET B 151 13.33 4.36 5.44
CA MET B 151 14.28 5.03 4.59
C MET B 151 15.63 4.42 4.91
N ASP B 152 16.35 4.01 3.85
CA ASP B 152 17.68 3.43 3.99
C ASP B 152 18.64 3.90 2.89
N ILE B 153 19.83 4.32 3.30
CA ILE B 153 20.91 4.62 2.37
C ILE B 153 21.92 3.48 2.45
N VAL B 154 22.26 2.95 1.29
CA VAL B 154 23.15 1.82 1.19
C VAL B 154 24.37 2.18 0.36
N GLY B 155 25.56 1.94 0.91
CA GLY B 155 26.81 2.15 0.19
C GLY B 155 27.49 3.46 0.52
N VAL B 156 27.16 4.06 1.66
CA VAL B 156 27.74 5.34 2.05
C VAL B 156 28.42 5.16 3.39
N LYS B 157 29.71 5.45 3.43
CA LYS B 157 30.54 5.29 4.64
C LYS B 157 30.25 6.39 5.65
N SER B 158 30.28 7.65 5.21
CA SER B 158 30.32 8.79 6.13
C SER B 158 28.99 9.08 6.83
N VAL B 159 29.02 9.97 7.81
CA VAL B 159 27.81 10.37 8.52
C VAL B 159 26.89 11.21 7.65
N SER B 160 27.42 11.72 6.53
CA SER B 160 26.61 12.36 5.51
C SER B 160 25.28 11.65 5.33
N ALA B 161 25.32 10.32 5.33
CA ALA B 161 24.11 9.50 5.23
C ALA B 161 23.15 9.77 6.38
N GLU B 162 23.53 9.38 7.58
CA GLU B 162 22.73 9.64 8.77
C GLU B 162 22.10 11.06 8.75
N VAL B 163 22.93 12.05 8.47
CA VAL B 163 22.48 13.43 8.38
C VAL B 163 21.27 13.55 7.46
N GLU B 164 21.47 13.15 6.21
CA GLU B 164 20.39 13.06 5.25
C GLU B 164 19.18 12.35 5.89
N LEU B 165 19.40 11.13 6.37
CA LEU B 165 18.32 10.34 6.93
C LEU B 165 17.58 11.06 8.02
N VAL B 166 18.30 11.64 8.97
CA VAL B 166 17.65 12.34 10.07
C VAL B 166 16.93 13.57 9.57
N CYS B 167 17.53 14.31 8.65
CA CYS B 167 16.83 15.44 8.05
C CYS B 167 15.52 14.99 7.37
N ALA B 168 15.54 13.79 6.81
CA ALA B 168 14.37 13.27 6.11
C ALA B 168 13.19 13.09 7.06
N ALA B 169 13.45 12.55 8.23
CA ALA B 169 12.41 12.39 9.23
C ALA B 169 11.82 13.75 9.56
N CYS B 170 12.71 14.70 9.83
CA CYS B 170 12.33 16.07 10.19
C CYS B 170 11.42 16.68 9.16
N TRP B 171 11.87 16.70 7.92
CA TRP B 171 11.04 17.23 6.84
C TRP B 171 9.65 16.63 6.95
N ALA B 172 9.57 15.31 6.97
CA ALA B 172 8.27 14.64 7.06
C ALA B 172 7.45 15.30 8.15
N MET B 173 8.00 15.32 9.34
CA MET B 173 7.25 15.82 10.46
C MET B 173 6.84 17.25 10.20
N ARG B 174 7.80 18.10 9.84
CA ARG B 174 7.50 19.49 9.55
C ARG B 174 6.38 19.55 8.52
N SER B 175 6.44 18.66 7.54
CA SER B 175 5.40 18.59 6.51
C SER B 175 4.05 18.32 7.15
N LEU B 176 4.04 17.43 8.15
CA LEU B 176 2.80 17.07 8.82
C LEU B 176 2.25 18.20 9.69
N GLY B 177 3.04 19.24 9.89
CA GLY B 177 2.62 20.39 10.68
C GLY B 177 3.23 20.47 12.07
N LEU B 178 4.34 19.76 12.29
CA LEU B 178 5.03 19.80 13.57
C LEU B 178 6.22 20.73 13.53
N SER B 179 6.86 20.94 14.68
CA SER B 179 8.02 21.80 14.79
C SER B 179 9.04 21.21 15.77
N SER B 180 10.22 21.82 15.80
CA SER B 180 11.28 21.43 16.73
C SER B 180 10.81 21.49 18.20
N LYS B 181 9.90 22.41 18.51
CA LYS B 181 9.41 22.55 19.88
C LYS B 181 8.48 21.43 20.31
N ASP B 182 7.89 20.70 19.35
CA ASP B 182 6.97 19.61 19.68
C ASP B 182 7.73 18.30 19.80
N VAL B 183 8.70 18.14 18.90
CA VAL B 183 9.35 16.87 18.64
C VAL B 183 10.84 17.07 18.57
N GLY B 184 11.59 16.13 19.13
CA GLY B 184 13.05 16.13 19.01
C GLY B 184 13.57 14.80 18.47
N ILE B 185 14.84 14.80 18.09
CA ILE B 185 15.53 13.59 17.69
C ILE B 185 16.85 13.43 18.45
N LYS B 186 16.92 12.44 19.31
CA LYS B 186 18.07 12.22 20.14
C LYS B 186 19.10 11.43 19.34
N VAL B 187 20.39 11.72 19.57
CA VAL B 187 21.47 11.13 18.77
C VAL B 187 22.66 10.64 19.60
N ASN B 188 23.26 9.54 19.15
CA ASN B 188 24.40 8.90 19.82
C ASN B 188 25.14 7.92 18.89
N SER B 189 26.29 7.44 19.34
CA SER B 189 27.08 6.44 18.61
C SER B 189 27.40 5.23 19.50
N ARG B 190 27.08 4.04 19.03
CA ARG B 190 27.38 2.81 19.78
C ARG B 190 28.89 2.55 19.91
N LYS B 191 29.70 3.24 19.12
CA LYS B 191 31.14 3.06 19.21
C LYS B 191 31.64 3.50 20.58
N VAL B 192 31.14 4.62 21.06
CA VAL B 192 31.46 5.11 22.40
C VAL B 192 31.40 3.98 23.42
N LEU B 193 30.29 3.26 23.40
CA LEU B 193 30.08 2.13 24.28
C LEU B 193 31.04 1.01 23.87
N GLN B 194 30.95 0.59 22.61
CA GLN B 194 31.79 -0.49 22.05
C GLN B 194 33.24 -0.39 22.48
N THR B 195 33.73 0.85 22.57
CA THR B 195 35.05 1.13 23.14
C THR B 195 35.11 0.74 24.60
N VAL B 196 34.27 1.36 25.41
CA VAL B 196 34.29 1.15 26.84
C VAL B 196 34.33 -0.35 27.21
N VAL B 197 33.45 -1.13 26.58
CA VAL B 197 33.42 -2.58 26.79
C VAL B 197 34.74 -3.23 26.37
N GLU B 198 35.10 -3.05 25.10
CA GLU B 198 36.36 -3.57 24.55
C GLU B 198 37.55 -3.20 25.43
N GLN B 199 37.48 -2.05 26.10
CA GLN B 199 38.55 -1.59 26.99
C GLN B 199 38.64 -2.36 28.31
N ALA B 200 37.50 -2.72 28.88
CA ALA B 200 37.47 -3.75 29.91
C ALA B 200 37.58 -5.11 29.21
N GLY B 201 37.91 -6.14 29.98
CA GLY B 201 38.17 -7.46 29.39
C GLY B 201 36.96 -8.32 29.12
N VAL B 202 36.09 -7.88 28.21
CA VAL B 202 35.06 -8.76 27.65
C VAL B 202 35.06 -8.69 26.14
N THR B 203 35.45 -9.81 25.53
CA THR B 203 35.13 -10.14 24.15
C THR B 203 33.90 -9.39 23.62
N SER B 204 33.97 -8.96 22.36
CA SER B 204 32.81 -8.34 21.70
C SER B 204 31.61 -9.30 21.71
N ASP B 205 31.92 -10.60 21.75
CA ASP B 205 30.97 -11.66 22.14
C ASP B 205 29.72 -11.13 22.87
N LYS B 206 29.90 -10.60 24.09
CA LYS B 206 28.78 -10.20 24.97
C LYS B 206 28.23 -8.77 24.71
N PHE B 207 28.77 -8.07 23.71
CA PHE B 207 28.48 -6.66 23.51
C PHE B 207 27.05 -6.35 23.04
N ALA B 208 26.64 -6.93 21.91
CA ALA B 208 25.29 -6.72 21.38
C ALA B 208 24.22 -6.98 22.45
N PRO B 209 24.33 -8.11 23.20
CA PRO B 209 23.48 -8.33 24.36
C PRO B 209 23.47 -7.16 25.37
N VAL B 210 24.64 -6.57 25.62
CA VAL B 210 24.70 -5.41 26.49
C VAL B 210 23.89 -4.23 25.92
N CYS B 211 23.97 -4.03 24.60
CA CYS B 211 23.16 -3.02 23.93
C CYS B 211 21.66 -3.27 24.07
N VAL B 212 21.27 -4.54 24.08
CA VAL B 212 19.88 -4.92 24.33
C VAL B 212 19.51 -4.57 25.76
N ILE B 213 20.36 -4.96 26.69
CA ILE B 213 20.13 -4.68 28.10
C ILE B 213 20.08 -3.17 28.32
N VAL B 214 21.17 -2.51 27.94
CA VAL B 214 21.32 -1.09 28.22
C VAL B 214 20.20 -0.20 27.65
N ASP B 215 19.54 -0.63 26.57
CA ASP B 215 18.42 0.12 25.98
C ASP B 215 17.26 0.27 26.96
N LYS B 216 17.12 -0.70 27.86
CA LYS B 216 16.02 -0.73 28.79
C LYS B 216 16.11 0.32 29.91
N MET B 217 17.22 1.06 29.97
CA MET B 217 17.41 2.06 31.04
C MET B 217 16.32 3.12 31.10
N GLU B 218 15.91 3.62 29.93
CA GLU B 218 14.73 4.48 29.85
C GLU B 218 13.52 3.73 30.47
N LYS B 219 13.23 2.56 29.92
CA LYS B 219 12.02 1.81 30.26
C LYS B 219 11.91 1.31 31.71
N ILE B 220 13.05 1.01 32.37
CA ILE B 220 13.03 0.43 33.73
C ILE B 220 14.19 0.91 34.62
N PRO B 221 14.13 0.61 35.94
CA PRO B 221 15.10 1.18 36.90
C PRO B 221 16.50 0.56 36.88
N ARG B 222 17.47 1.32 37.39
CA ARG B 222 18.90 1.04 37.19
C ARG B 222 19.34 -0.32 37.73
N GLU B 223 18.80 -0.72 38.87
CA GLU B 223 19.25 -1.93 39.57
C GLU B 223 18.95 -3.22 38.77
N GLU B 224 17.86 -3.22 38.01
CA GLU B 224 17.47 -4.40 37.23
C GLU B 224 18.30 -4.50 35.96
N VAL B 225 18.71 -3.36 35.41
CA VAL B 225 19.62 -3.38 34.28
C VAL B 225 20.94 -3.95 34.80
N GLU B 226 21.49 -3.30 35.81
CA GLU B 226 22.77 -3.73 36.44
C GLU B 226 22.76 -5.20 36.86
N ALA B 227 21.58 -5.72 37.21
CA ALA B 227 21.42 -7.13 37.57
C ALA B 227 21.61 -8.05 36.36
N GLN B 228 20.95 -7.70 35.27
CA GLN B 228 21.04 -8.48 34.06
C GLN B 228 22.45 -8.46 33.47
N LEU B 229 23.19 -7.37 33.70
CA LEU B 229 24.56 -7.25 33.19
C LEU B 229 25.54 -8.10 34.02
N ALA B 230 25.33 -8.13 35.33
CA ALA B 230 26.06 -9.06 36.19
C ALA B 230 25.72 -10.49 35.81
N VAL B 231 24.49 -10.71 35.36
CA VAL B 231 24.05 -12.02 34.87
C VAL B 231 24.70 -12.40 33.55
N LEU B 232 24.98 -11.41 32.69
CA LEU B 232 25.70 -11.68 31.45
C LEU B 232 27.18 -11.97 31.73
N GLY B 233 27.56 -11.93 33.00
CA GLY B 233 28.89 -12.33 33.44
C GLY B 233 29.72 -11.16 33.93
N LEU B 234 29.39 -9.96 33.46
CA LEU B 234 30.23 -8.78 33.70
C LEU B 234 30.42 -8.42 35.17
N GLU B 235 31.59 -7.84 35.46
CA GLU B 235 31.92 -7.37 36.80
C GLU B 235 31.09 -6.13 37.14
N PRO B 236 31.09 -5.75 38.44
CA PRO B 236 30.45 -4.49 38.87
C PRO B 236 31.17 -3.23 38.38
N THR B 237 32.50 -3.27 38.38
CA THR B 237 33.29 -2.08 38.04
C THR B 237 33.16 -1.73 36.57
N VAL B 238 32.95 -2.74 35.73
CA VAL B 238 32.63 -2.56 34.30
C VAL B 238 31.17 -2.12 34.10
N VAL B 239 30.28 -2.66 34.93
CA VAL B 239 28.89 -2.21 34.99
C VAL B 239 28.83 -0.70 35.31
N ASP B 240 29.63 -0.26 36.29
CA ASP B 240 29.75 1.15 36.64
C ASP B 240 30.11 2.00 35.42
N ALA B 241 31.19 1.63 34.75
CA ALA B 241 31.67 2.35 33.58
C ALA B 241 30.55 2.58 32.58
N ILE B 242 29.76 1.54 32.35
CA ILE B 242 28.63 1.61 31.42
C ILE B 242 27.59 2.62 31.88
N THR B 243 27.11 2.46 33.12
CA THR B 243 26.23 3.44 33.74
C THR B 243 26.71 4.85 33.48
N THR B 244 27.99 5.10 33.78
CA THR B 244 28.59 6.41 33.61
C THR B 244 28.53 6.89 32.15
N THR B 245 28.96 6.03 31.23
CA THR B 245 28.95 6.40 29.82
C THR B 245 27.54 6.82 29.42
N LEU B 246 26.55 5.99 29.72
CA LEU B 246 25.16 6.30 29.39
C LEU B 246 24.73 7.68 29.88
N SER B 247 25.23 8.09 31.05
CA SER B 247 24.85 9.35 31.65
C SER B 247 25.66 10.55 31.14
N LEU B 248 26.67 10.31 30.31
CA LEU B 248 27.54 11.39 29.82
C LEU B 248 26.74 12.52 29.18
N LYS B 249 27.03 13.75 29.60
CA LYS B 249 26.18 14.88 29.29
C LYS B 249 26.28 15.37 27.84
N SER B 250 27.49 15.59 27.35
CA SER B 250 27.67 16.12 25.98
C SER B 250 28.87 15.55 25.22
N ILE B 251 29.01 16.00 23.97
CA ILE B 251 30.07 15.55 23.09
C ILE B 251 31.39 15.95 23.71
N ASP B 252 31.53 17.22 24.08
CA ASP B 252 32.70 17.70 24.82
C ASP B 252 33.11 16.69 25.88
N GLU B 253 32.11 16.21 26.62
CA GLU B 253 32.31 15.26 27.69
C GLU B 253 32.70 13.87 27.16
N ILE B 254 32.15 13.47 26.02
CA ILE B 254 32.57 12.21 25.38
C ILE B 254 34.08 12.24 25.22
N ALA B 255 34.56 13.33 24.59
CA ALA B 255 35.99 13.55 24.36
C ALA B 255 36.85 13.15 25.56
N GLN B 256 36.38 13.46 26.76
CA GLN B 256 37.19 13.29 27.95
C GLN B 256 37.27 11.86 28.47
N ARG B 257 36.34 10.99 28.08
CA ARG B 257 36.40 9.59 28.46
C ARG B 257 37.07 8.74 27.38
N VAL B 258 37.19 9.29 26.17
CA VAL B 258 37.69 8.54 25.00
C VAL B 258 38.58 9.33 24.02
N GLY B 259 38.90 10.57 24.35
CA GLY B 259 39.79 11.41 23.53
C GLY B 259 39.09 12.04 22.34
N GLU B 260 39.43 13.30 22.06
CA GLU B 260 38.85 14.01 20.91
C GLU B 260 39.26 13.32 19.59
N GLU B 261 40.45 12.73 19.61
CA GLU B 261 40.94 11.87 18.53
C GLU B 261 40.29 10.51 18.73
N HIS B 262 39.17 10.30 18.05
CA HIS B 262 38.41 9.07 18.17
C HIS B 262 37.27 9.10 17.15
N GLU B 263 36.96 7.94 16.56
CA GLU B 263 36.00 7.93 15.46
C GLU B 263 34.67 8.48 15.97
N ALA B 264 34.09 7.82 16.96
CA ALA B 264 32.80 8.23 17.52
C ALA B 264 32.70 9.73 17.77
N VAL B 265 33.74 10.33 18.33
CA VAL B 265 33.70 11.75 18.68
C VAL B 265 33.60 12.61 17.45
N LYS B 266 34.54 12.45 16.52
CA LYS B 266 34.60 13.33 15.36
C LYS B 266 33.42 13.07 14.42
N GLU B 267 32.92 11.83 14.42
CA GLU B 267 31.76 11.46 13.64
C GLU B 267 30.53 12.20 14.11
N LEU B 268 30.32 12.27 15.41
CA LEU B 268 29.17 12.99 15.94
C LEU B 268 29.30 14.48 15.62
N ARG B 269 30.49 15.02 15.79
CA ARG B 269 30.68 16.46 15.59
C ARG B 269 30.38 16.85 14.16
N GLN B 270 30.77 16.00 13.23
CA GLN B 270 30.41 16.20 11.82
C GLN B 270 28.92 16.09 11.62
N PHE B 271 28.34 15.01 12.14
CA PHE B 271 26.90 14.82 12.03
C PHE B 271 26.17 16.09 12.45
N PHE B 272 26.52 16.57 13.64
CA PHE B 272 25.87 17.73 14.18
C PHE B 272 26.16 19.01 13.41
N GLU B 273 27.37 19.17 12.88
CA GLU B 273 27.67 20.40 12.14
C GLU B 273 26.95 20.37 10.81
N GLN B 274 26.74 19.17 10.25
CA GLN B 274 26.11 19.06 8.93
C GLN B 274 24.61 19.28 8.98
N VAL B 275 23.97 18.78 10.04
CA VAL B 275 22.55 19.05 10.23
C VAL B 275 22.32 20.55 10.49
N GLU B 276 23.19 21.16 11.31
CA GLU B 276 23.08 22.59 11.59
CA GLU B 276 23.11 22.59 11.59
C GLU B 276 23.18 23.37 10.29
N ALA B 277 24.06 22.90 9.40
CA ALA B 277 24.22 23.49 8.07
C ALA B 277 22.95 23.37 7.23
N TYR B 278 22.35 22.18 7.23
CA TYR B 278 21.13 21.91 6.47
C TYR B 278 19.98 22.73 7.01
N GLY B 279 20.11 23.10 8.27
CA GLY B 279 19.21 24.06 8.88
C GLY B 279 18.17 23.44 9.77
N TYR B 280 18.46 22.26 10.30
CA TYR B 280 17.61 21.63 11.30
C TYR B 280 18.37 21.53 12.64
N GLY B 281 18.94 22.65 13.06
CA GLY B 281 19.73 22.70 14.28
C GLY B 281 18.91 22.32 15.49
N ASP B 282 17.77 22.98 15.66
CA ASP B 282 16.95 22.81 16.88
C ASP B 282 16.26 21.45 16.96
N TRP B 283 16.23 20.71 15.86
CA TRP B 283 15.55 19.43 15.82
C TRP B 283 16.28 18.30 16.54
N VAL B 284 17.61 18.30 16.51
CA VAL B 284 18.38 17.20 17.08
C VAL B 284 19.07 17.63 18.35
N LEU B 285 19.55 16.63 19.11
CA LEU B 285 20.40 16.88 20.27
C LEU B 285 21.07 15.59 20.70
N PHE B 286 22.21 15.72 21.39
CA PHE B 286 22.92 14.54 21.86
C PHE B 286 22.33 14.02 23.15
N ASP B 287 22.21 12.70 23.22
CA ASP B 287 21.70 12.00 24.39
C ASP B 287 22.46 10.69 24.54
N ALA B 288 23.36 10.65 25.51
CA ALA B 288 24.22 9.48 25.71
C ALA B 288 23.45 8.17 25.99
N SER B 289 22.19 8.29 26.38
CA SER B 289 21.37 7.14 26.77
C SER B 289 20.87 6.31 25.60
N VAL B 290 20.77 6.92 24.42
CA VAL B 290 20.16 6.26 23.27
C VAL B 290 21.08 5.17 22.75
N VAL B 291 20.53 3.96 22.61
CA VAL B 291 21.29 2.81 22.10
C VAL B 291 20.53 1.93 21.10
N ARG B 292 19.21 1.88 21.20
CA ARG B 292 18.35 1.07 20.32
C ARG B 292 18.28 -0.37 20.80
N GLY B 293 17.18 -1.06 20.45
CA GLY B 293 16.96 -2.42 20.91
C GLY B 293 17.23 -3.51 19.89
N LEU B 294 17.88 -3.14 18.77
CA LEU B 294 18.19 -4.08 17.69
C LEU B 294 19.69 -4.22 17.50
N ALA B 295 20.17 -5.46 17.50
CA ALA B 295 21.58 -5.75 17.75
C ALA B 295 22.49 -5.60 16.54
N TYR B 296 21.98 -5.11 15.41
CA TYR B 296 22.83 -4.99 14.21
C TYR B 296 23.37 -3.59 13.96
N TYR B 297 23.03 -2.63 14.82
CA TYR B 297 23.54 -1.28 14.67
C TYR B 297 25.02 -1.26 15.01
N THR B 298 25.81 -0.53 14.23
CA THR B 298 27.26 -0.50 14.42
C THR B 298 27.76 0.84 14.92
N GLY B 299 27.11 1.92 14.52
CA GLY B 299 27.65 3.27 14.76
C GLY B 299 26.66 4.28 15.33
N ILE B 300 26.31 5.29 14.53
CA ILE B 300 25.36 6.30 14.97
C ILE B 300 23.96 5.72 15.06
N VAL B 301 23.21 6.17 16.05
CA VAL B 301 21.85 5.70 16.26
C VAL B 301 21.02 6.86 16.79
N PHE B 302 19.73 6.83 16.46
CA PHE B 302 18.84 7.93 16.82
C PHE B 302 17.39 7.50 17.02
N GLU B 303 16.65 8.34 17.70
CA GLU B 303 15.30 7.99 18.12
C GLU B 303 14.51 9.30 18.14
N GLY B 304 13.35 9.30 17.50
CA GLY B 304 12.47 10.47 17.50
C GLY B 304 11.56 10.47 18.70
N PHE B 305 11.40 11.62 19.35
CA PHE B 305 10.58 11.70 20.54
C PHE B 305 9.81 13.01 20.59
N ASP B 306 8.69 12.99 21.33
CA ASP B 306 7.92 14.19 21.63
C ASP B 306 8.45 14.84 22.90
N ARG B 307 8.71 16.15 22.83
CA ARG B 307 9.43 16.86 23.91
C ARG B 307 8.78 16.66 25.28
N GLU B 308 7.45 16.59 25.30
CA GLU B 308 6.69 16.40 26.53
C GLU B 308 6.96 15.03 27.16
N GLY B 309 7.41 14.08 26.35
CA GLY B 309 7.76 12.75 26.85
C GLY B 309 6.52 11.95 27.17
N LYS B 310 5.57 11.95 26.24
CA LYS B 310 4.29 11.28 26.42
C LYS B 310 4.27 9.85 25.82
N PHE B 311 4.87 9.69 24.64
CA PHE B 311 4.71 8.44 23.88
C PHE B 311 6.02 7.75 23.58
N ARG B 312 5.93 6.46 23.25
CA ARG B 312 7.09 5.70 22.80
C ARG B 312 7.75 6.45 21.63
N ALA B 313 8.86 5.90 21.13
CA ALA B 313 9.62 6.57 20.08
C ALA B 313 8.79 6.72 18.81
N LEU B 314 8.75 7.94 18.29
CA LEU B 314 8.17 8.23 16.97
C LEU B 314 8.79 7.37 15.89
N CYS B 315 10.12 7.35 15.87
CA CYS B 315 10.87 6.66 14.83
C CYS B 315 12.22 6.34 15.39
N GLY B 316 12.92 5.39 14.78
CA GLY B 316 14.28 5.09 15.22
C GLY B 316 15.10 4.40 14.16
N GLY B 317 16.40 4.65 14.18
CA GLY B 317 17.29 4.09 13.16
C GLY B 317 18.73 4.22 13.56
N GLY B 318 19.62 4.09 12.59
CA GLY B 318 21.07 4.16 12.81
C GLY B 318 21.86 3.41 11.76
N ARG B 319 23.19 3.41 11.89
CA ARG B 319 24.05 2.81 10.89
C ARG B 319 24.26 1.35 11.21
N TYR B 320 24.26 0.49 10.19
CA TYR B 320 24.49 -0.95 10.36
C TYR B 320 25.41 -1.53 9.27
N ASP B 321 26.71 -1.30 9.41
CA ASP B 321 27.65 -1.65 8.35
C ASP B 321 27.87 -3.15 8.15
N ASN B 322 27.83 -3.92 9.24
CA ASN B 322 28.22 -5.33 9.19
C ASN B 322 27.10 -6.29 8.80
N LEU B 323 25.85 -5.84 8.89
CA LEU B 323 24.72 -6.73 8.66
C LEU B 323 24.76 -7.45 7.33
N LEU B 324 25.13 -6.74 6.27
CA LEU B 324 25.13 -7.32 4.94
CA LEU B 324 25.14 -7.33 4.93
C LEU B 324 26.20 -8.41 4.80
N THR B 325 27.29 -8.27 5.55
CA THR B 325 28.29 -9.32 5.60
C THR B 325 27.68 -10.54 6.34
N THR B 326 26.93 -10.29 7.40
CA THR B 326 26.26 -11.34 8.18
C THR B 326 25.33 -12.19 7.35
N TYR B 327 24.64 -11.60 6.38
CA TYR B 327 23.80 -12.38 5.49
C TYR B 327 24.58 -12.96 4.32
N GLY B 328 25.84 -12.56 4.18
CA GLY B 328 26.79 -13.22 3.29
C GLY B 328 27.27 -12.44 2.08
N SER B 329 27.38 -11.12 2.18
CA SER B 329 27.91 -10.33 1.08
C SER B 329 29.41 -10.53 0.96
N PRO B 330 29.88 -10.92 -0.23
CA PRO B 330 31.31 -11.19 -0.41
C PRO B 330 32.21 -9.96 -0.16
N THR B 331 31.60 -8.80 0.08
CA THR B 331 32.32 -7.60 0.52
C THR B 331 31.36 -6.72 1.33
N PRO B 332 31.78 -6.31 2.54
CA PRO B 332 30.90 -5.59 3.47
C PRO B 332 30.39 -4.26 2.93
N ILE B 333 29.10 -3.97 3.18
CA ILE B 333 28.43 -2.87 2.52
C ILE B 333 27.77 -1.95 3.54
N PRO B 334 28.32 -0.74 3.70
CA PRO B 334 27.77 0.18 4.68
C PRO B 334 26.31 0.53 4.45
N CYS B 335 25.54 0.59 5.53
CA CYS B 335 24.15 0.97 5.47
C CYS B 335 23.74 1.83 6.64
N ALA B 336 22.79 2.72 6.41
CA ALA B 336 22.13 3.41 7.49
C ALA B 336 20.69 3.53 7.09
N GLY B 337 19.81 3.68 8.07
CA GLY B 337 18.39 3.81 7.76
C GLY B 337 17.53 3.74 8.99
N PHE B 338 16.28 4.19 8.87
CA PHE B 338 15.38 4.23 10.00
C PHE B 338 13.99 3.73 9.67
N GLY B 339 13.23 3.42 10.71
CA GLY B 339 11.83 3.07 10.59
C GLY B 339 11.01 4.13 11.26
N PHE B 340 9.81 4.35 10.76
CA PHE B 340 8.98 5.43 11.25
C PHE B 340 7.52 4.95 11.30
N GLY B 341 7.07 4.64 12.52
CA GLY B 341 5.77 4.03 12.73
C GLY B 341 4.63 4.94 12.36
N ASP B 342 3.47 4.33 12.11
CA ASP B 342 2.27 5.06 11.74
C ASP B 342 1.31 5.22 12.90
N CYS B 343 1.72 4.79 14.10
CA CYS B 343 0.84 4.80 15.25
C CYS B 343 1.15 5.94 16.19
N VAL B 344 2.29 5.87 16.85
CA VAL B 344 2.70 6.92 17.77
C VAL B 344 2.50 8.27 17.10
N ILE B 345 3.11 8.46 15.94
CA ILE B 345 3.04 9.74 15.26
C ILE B 345 1.61 10.30 15.24
N VAL B 346 0.64 9.44 15.00
CA VAL B 346 -0.76 9.85 14.92
C VAL B 346 -1.29 10.27 16.29
N GLU B 347 -0.94 9.50 17.31
CA GLU B 347 -1.28 9.86 18.68
C GLU B 347 -0.88 11.32 18.95
N LEU B 348 0.28 11.70 18.41
CA LEU B 348 0.85 13.02 18.67
C LEU B 348 0.13 14.08 17.88
N LEU B 349 -0.14 13.79 16.61
CA LEU B 349 -0.81 14.74 15.75
C LEU B 349 -2.22 15.00 16.26
N GLN B 350 -2.89 13.95 16.75
CA GLN B 350 -4.22 14.09 17.36
C GLN B 350 -4.19 14.86 18.66
N GLU B 351 -3.11 14.74 19.43
CA GLU B 351 -2.96 15.50 20.68
C GLU B 351 -2.67 16.96 20.39
N LYS B 352 -2.06 17.25 19.24
CA LYS B 352 -1.76 18.61 18.81
C LYS B 352 -2.81 19.16 17.83
N ARG B 353 -3.94 18.45 17.74
CA ARG B 353 -5.05 18.83 16.87
C ARG B 353 -4.57 19.17 15.44
N LEU B 354 -3.73 18.29 14.88
CA LEU B 354 -3.19 18.45 13.53
C LEU B 354 -3.75 17.40 12.56
N LEU B 355 -4.76 16.66 13.00
CA LEU B 355 -5.39 15.68 12.14
C LEU B 355 -6.86 16.00 12.03
N PRO B 356 -7.17 17.19 11.49
CA PRO B 356 -8.57 17.50 11.28
C PRO B 356 -9.10 16.57 10.22
N ASP B 357 -10.23 15.93 10.49
CA ASP B 357 -10.88 15.11 9.49
C ASP B 357 -11.25 15.98 8.31
N ILE B 358 -10.72 15.63 7.13
CA ILE B 358 -11.14 16.27 5.90
C ILE B 358 -12.03 15.26 5.18
N PRO B 359 -13.34 15.56 5.12
CA PRO B 359 -14.34 14.62 4.62
C PRO B 359 -14.28 14.45 3.11
N HIS B 360 -14.83 13.33 2.63
CA HIS B 360 -14.84 13.00 1.21
C HIS B 360 -15.55 14.08 0.42
N VAL B 361 -14.97 14.47 -0.72
CA VAL B 361 -15.67 15.30 -1.72
C VAL B 361 -15.52 14.81 -3.17
N VAL B 362 -16.49 15.21 -4.01
CA VAL B 362 -16.48 14.86 -5.44
C VAL B 362 -16.92 16.04 -6.28
N ASP B 363 -16.32 16.23 -7.45
CA ASP B 363 -16.64 17.42 -8.23
C ASP B 363 -18.15 17.51 -8.54
N ASP B 364 -18.76 16.47 -9.11
CA ASP B 364 -20.13 16.59 -9.60
C ASP B 364 -21.02 15.40 -9.26
N VAL B 365 -22.31 15.68 -9.08
CA VAL B 365 -23.29 14.62 -8.95
C VAL B 365 -24.33 14.76 -10.04
N VAL B 366 -24.49 13.73 -10.85
CA VAL B 366 -25.40 13.75 -12.01
C VAL B 366 -26.75 13.15 -11.66
N ILE B 367 -27.77 14.00 -11.61
CA ILE B 367 -29.11 13.57 -11.24
C ILE B 367 -30.01 13.40 -12.47
N PRO B 368 -30.34 12.16 -12.85
CA PRO B 368 -31.33 12.02 -13.90
C PRO B 368 -32.69 12.43 -13.35
N PHE B 369 -33.43 13.23 -14.11
CA PHE B 369 -34.67 13.80 -13.62
C PHE B 369 -35.67 12.71 -13.28
N ASP B 370 -35.89 11.83 -14.26
CA ASP B 370 -36.59 10.58 -14.04
C ASP B 370 -35.76 9.52 -14.73
N GLU B 371 -36.15 8.25 -14.65
CA GLU B 371 -35.31 7.20 -15.18
C GLU B 371 -35.21 7.24 -16.69
N SER B 372 -36.18 7.86 -17.36
CA SER B 372 -36.11 7.98 -18.82
C SER B 372 -34.87 8.81 -19.24
N MET B 373 -34.46 9.74 -18.40
CA MET B 373 -33.27 10.55 -18.69
C MET B 373 -31.95 9.81 -18.40
N ARG B 374 -32.04 8.68 -17.71
CA ARG B 374 -30.85 7.97 -17.27
C ARG B 374 -29.78 7.88 -18.37
N PRO B 375 -30.15 7.41 -19.58
CA PRO B 375 -29.15 7.21 -20.63
C PRO B 375 -28.50 8.51 -21.07
N HIS B 376 -29.25 9.58 -21.02
CA HIS B 376 -28.64 10.88 -21.27
C HIS B 376 -27.75 11.25 -20.09
N ALA B 377 -28.24 11.05 -18.86
CA ALA B 377 -27.43 11.35 -17.66
C ALA B 377 -26.07 10.71 -17.80
N LEU B 378 -26.06 9.43 -18.12
CA LEU B 378 -24.82 8.68 -18.34
C LEU B 378 -23.91 9.35 -19.36
N ALA B 379 -24.49 9.69 -20.50
CA ALA B 379 -23.79 10.46 -21.52
C ALA B 379 -23.07 11.65 -20.88
N VAL B 380 -23.76 12.37 -20.01
CA VAL B 380 -23.24 13.58 -19.38
C VAL B 380 -22.13 13.24 -18.39
N LEU B 381 -22.34 12.15 -17.67
CA LEU B 381 -21.39 11.70 -16.67
C LEU B 381 -20.05 11.37 -17.32
N ARG B 382 -20.10 10.62 -18.41
CA ARG B 382 -18.90 10.30 -19.17
C ARG B 382 -18.16 11.58 -19.57
N ARG B 383 -18.92 12.55 -20.06
CA ARG B 383 -18.38 13.82 -20.54
C ARG B 383 -17.61 14.57 -19.47
N LEU B 384 -18.04 14.44 -18.22
CA LEU B 384 -17.35 15.10 -17.13
C LEU B 384 -16.11 14.30 -16.73
N ARG B 385 -16.28 12.99 -16.60
CA ARG B 385 -15.17 12.14 -16.24
C ARG B 385 -14.11 12.23 -17.29
N ASP B 386 -14.47 12.47 -18.54
CA ASP B 386 -13.50 12.70 -19.60
C ASP B 386 -12.74 14.00 -19.40
N ALA B 387 -13.48 15.03 -19.01
CA ALA B 387 -12.90 16.34 -18.79
C ALA B 387 -12.12 16.36 -17.51
N GLY B 388 -11.89 15.18 -16.94
CA GLY B 388 -10.96 15.05 -15.83
C GLY B 388 -11.62 15.35 -14.51
N ARG B 389 -12.94 15.47 -14.51
CA ARG B 389 -13.65 15.74 -13.29
C ARG B 389 -13.87 14.45 -12.56
N SER B 390 -14.15 14.54 -11.26
CA SER B 390 -14.49 13.39 -10.44
C SER B 390 -15.98 13.51 -10.27
N ALA B 391 -16.72 12.50 -10.70
CA ALA B 391 -18.14 12.65 -10.70
C ALA B 391 -18.88 11.34 -10.47
N ASP B 392 -20.12 11.50 -10.04
CA ASP B 392 -20.91 10.47 -9.46
C ASP B 392 -22.31 10.58 -10.06
N ILE B 393 -23.11 9.53 -9.93
CA ILE B 393 -24.44 9.56 -10.51
C ILE B 393 -25.38 8.75 -9.67
N ILE B 394 -26.62 9.24 -9.53
CA ILE B 394 -27.60 8.52 -8.74
C ILE B 394 -27.95 7.26 -9.49
N LEU B 395 -27.78 6.13 -8.82
CA LEU B 395 -27.84 4.82 -9.48
C LEU B 395 -29.23 4.21 -9.37
N ASP B 396 -29.84 4.26 -8.19
CA ASP B 396 -31.21 3.79 -8.05
C ASP B 396 -32.18 4.90 -8.39
N LYS B 397 -33.40 4.51 -8.74
CA LYS B 397 -34.52 5.45 -8.88
C LYS B 397 -34.70 6.10 -7.52
N LYS B 398 -34.53 7.41 -7.47
CA LYS B 398 -34.96 8.16 -6.29
C LYS B 398 -35.39 9.61 -6.60
N LYS B 399 -36.22 10.15 -5.71
CA LYS B 399 -36.84 11.44 -5.92
C LYS B 399 -35.84 12.60 -5.92
N VAL B 400 -36.30 13.76 -6.34
CA VAL B 400 -35.41 14.87 -6.65
C VAL B 400 -34.73 15.37 -5.40
N VAL B 401 -35.50 15.51 -4.33
CA VAL B 401 -34.93 15.90 -3.05
C VAL B 401 -33.82 14.91 -2.68
N GLN B 402 -34.16 13.63 -2.57
CA GLN B 402 -33.16 12.60 -2.20
C GLN B 402 -31.85 12.78 -2.94
N ALA B 403 -31.94 13.01 -4.24
CA ALA B 403 -30.78 13.27 -5.06
C ALA B 403 -29.94 14.38 -4.45
N PHE B 404 -30.54 15.53 -4.22
CA PHE B 404 -29.80 16.66 -3.64
C PHE B 404 -29.24 16.31 -2.27
N ASN B 405 -30.02 15.55 -1.53
CA ASN B 405 -29.55 15.08 -0.25
C ASN B 405 -28.27 14.28 -0.45
N TYR B 406 -28.28 13.33 -1.40
CA TYR B 406 -27.09 12.52 -1.72
C TYR B 406 -25.93 13.43 -2.07
N ALA B 407 -26.20 14.41 -2.92
CA ALA B 407 -25.18 15.39 -3.31
C ALA B 407 -24.49 15.96 -2.08
N ASP B 408 -25.28 16.46 -1.14
CA ASP B 408 -24.72 16.96 0.10
C ASP B 408 -23.93 15.90 0.86
N ARG B 409 -24.41 14.65 0.93
CA ARG B 409 -23.75 13.61 1.75
C ARG B 409 -22.33 13.40 1.24
N VAL B 410 -22.25 13.06 -0.04
CA VAL B 410 -20.96 12.79 -0.68
C VAL B 410 -20.12 14.05 -0.90
N GLY B 411 -20.64 15.21 -0.49
CA GLY B 411 -19.89 16.46 -0.56
C GLY B 411 -19.59 16.88 -1.98
N ALA B 412 -20.65 17.04 -2.79
CA ALA B 412 -20.47 17.47 -4.16
C ALA B 412 -20.32 18.98 -4.23
N VAL B 413 -19.45 19.42 -5.12
CA VAL B 413 -19.28 20.84 -5.43
C VAL B 413 -20.42 21.34 -6.34
N ARG B 414 -21.00 20.42 -7.10
CA ARG B 414 -22.01 20.78 -8.09
C ARG B 414 -23.01 19.64 -8.38
N ALA B 415 -24.27 20.00 -8.54
CA ALA B 415 -25.31 19.05 -8.88
C ALA B 415 -25.75 19.33 -10.29
N VAL B 416 -25.54 18.38 -11.19
CA VAL B 416 -25.98 18.52 -12.57
C VAL B 416 -27.24 17.68 -12.73
N LEU B 417 -28.40 18.35 -12.67
CA LEU B 417 -29.66 17.68 -12.94
C LEU B 417 -29.91 17.64 -14.46
N VAL B 418 -30.24 16.46 -14.97
CA VAL B 418 -30.43 16.25 -16.41
C VAL B 418 -31.90 16.10 -16.69
N ALA B 419 -32.58 17.21 -16.93
CA ALA B 419 -34.02 17.21 -17.09
C ALA B 419 -34.34 17.21 -18.57
N PRO B 420 -35.60 16.88 -18.93
CA PRO B 420 -35.96 16.66 -20.32
C PRO B 420 -36.19 17.93 -21.10
N GLU B 421 -36.97 18.84 -20.54
CA GLU B 421 -37.23 20.11 -21.20
C GLU B 421 -35.89 20.74 -21.62
N GLU B 422 -34.93 20.76 -20.71
CA GLU B 422 -33.60 21.31 -21.00
C GLU B 422 -32.82 20.48 -22.01
N TRP B 423 -32.82 19.17 -21.81
CA TRP B 423 -32.07 18.24 -22.65
C TRP B 423 -32.42 18.41 -24.10
N GLU B 424 -33.71 18.60 -24.38
CA GLU B 424 -34.16 18.77 -25.77
C GLU B 424 -33.49 20.05 -26.36
N ARG B 425 -33.44 21.12 -25.59
CA ARG B 425 -32.69 22.33 -25.98
C ARG B 425 -31.17 22.16 -25.85
N GLY B 426 -30.69 20.91 -25.69
CA GLY B 426 -29.26 20.64 -25.52
C GLY B 426 -28.64 21.34 -24.32
N GLU B 427 -29.25 21.15 -23.15
CA GLU B 427 -28.77 21.78 -21.92
C GLU B 427 -29.06 20.91 -20.73
N VAL B 428 -28.43 21.25 -19.61
CA VAL B 428 -28.72 20.64 -18.33
C VAL B 428 -28.84 21.71 -17.23
N GLN B 429 -29.47 21.34 -16.11
CA GLN B 429 -29.63 22.22 -14.96
C GLN B 429 -28.50 22.00 -13.96
N VAL B 430 -27.82 23.09 -13.61
CA VAL B 430 -26.71 23.06 -12.66
C VAL B 430 -27.06 23.91 -11.45
N LYS B 431 -26.91 23.32 -10.26
CA LYS B 431 -27.03 24.03 -8.98
C LYS B 431 -25.69 23.91 -8.27
N MET B 432 -25.16 25.03 -7.79
CA MET B 432 -23.86 25.06 -7.12
C MET B 432 -24.00 24.97 -5.62
N LEU B 433 -23.16 24.15 -5.00
CA LEU B 433 -23.20 23.91 -3.55
C LEU B 433 -21.92 24.41 -2.87
N PHE B 448 -27.97 28.16 -13.40
CA PHE B 448 -29.34 28.23 -13.93
C PHE B 448 -29.55 27.06 -14.90
N ALA B 449 -29.33 27.32 -16.19
CA ALA B 449 -29.34 26.32 -17.26
C ALA B 449 -28.01 26.42 -17.98
N VAL B 450 -27.44 25.29 -18.36
CA VAL B 450 -26.10 25.26 -18.92
C VAL B 450 -26.03 24.33 -20.13
N PRO B 451 -25.29 24.74 -21.17
CA PRO B 451 -25.10 23.92 -22.37
C PRO B 451 -24.06 22.83 -22.19
N LEU B 452 -24.29 21.69 -22.85
CA LEU B 452 -23.47 20.51 -22.64
C LEU B 452 -21.98 20.74 -22.83
N ASP B 453 -21.58 21.70 -23.65
CA ASP B 453 -20.15 21.92 -23.89
C ASP B 453 -19.49 22.79 -22.83
N ARG B 454 -20.29 23.34 -21.91
CA ARG B 454 -19.76 24.32 -20.98
C ARG B 454 -19.84 23.85 -19.54
N LEU B 455 -20.15 22.58 -19.32
CA LEU B 455 -19.94 21.98 -18.00
C LEU B 455 -18.43 21.81 -17.80
N VAL B 456 -17.72 21.60 -18.92
CA VAL B 456 -16.25 21.74 -18.96
C VAL B 456 -15.79 21.95 -20.40
P HAM C . -11.99 -13.45 -7.88
O1P HAM C . -13.25 -12.95 -8.45
O2P HAM C . -11.59 -14.87 -8.10
O3P HAM C . -11.90 -13.09 -6.27
O5' HAM C . -10.79 -12.62 -8.48
C5' HAM C . -10.47 -12.91 -9.83
C4' HAM C . -9.57 -11.83 -10.33
O4' HAM C . -8.62 -11.54 -9.29
C3' HAM C . -8.84 -12.44 -11.50
O3' HAM C . -9.26 -11.81 -12.71
C2' HAM C . -7.35 -12.17 -11.23
O2' HAM C . -6.78 -11.17 -12.09
C1' HAM C . -7.28 -11.70 -9.78
N9 HAM C . -6.70 -12.93 -9.25
C8 HAM C . -7.34 -13.87 -8.58
N7 HAM C . -6.49 -14.84 -8.27
C5 HAM C . -5.31 -14.52 -8.78
C6 HAM C . -4.08 -15.14 -8.76
N6 HAM C . -3.95 -16.31 -8.15
N1 HAM C . -3.03 -14.53 -9.38
C2 HAM C . -3.19 -13.35 -10.00
N3 HAM C . -4.37 -12.74 -10.01
C4 HAM C . -5.44 -13.30 -9.41
C HAM C . -12.59 -12.03 -5.72
O HAM C . -12.12 -11.27 -4.88
CA HAM C . -14.08 -11.94 -6.06
N HAM C . -14.80 -11.85 -4.78
CB HAM C . -14.42 -10.69 -6.93
CG HAM C . -15.26 -9.65 -6.17
CD2 HAM C . -14.83 -8.52 -5.61
ND1 HAM C . -16.58 -9.70 -6.00
CE1 HAM C . -16.96 -8.61 -5.32
NE2 HAM C . -15.88 -7.90 -5.09
CL CL D . 0.01 3.02 -1.51
P HAM E . 12.76 -0.35 15.22
O1P HAM E . 13.33 0.87 14.59
O2P HAM E . 13.15 -0.69 16.60
O3P HAM E . 12.99 -1.66 14.26
O5' HAM E . 11.16 -0.21 15.35
C5' HAM E . 10.66 0.81 16.19
C4' HAM E . 10.17 1.99 15.35
O4' HAM E . 9.21 1.57 14.32
C3' HAM E . 9.43 2.94 16.29
O3' HAM E . 10.12 4.19 16.35
C2' HAM E . 8.04 3.12 15.67
O2' HAM E . 8.03 4.28 14.83
C1' HAM E . 7.88 1.87 14.80
N9 HAM E . 7.22 0.74 15.56
C8 HAM E . 7.71 -0.48 15.79
N7 HAM E . 6.84 -1.22 16.49
C5 HAM E . 5.78 -0.46 16.70
C6 HAM E . 4.58 -0.68 17.35
N6 HAM E . 4.33 -1.86 17.92
N1 HAM E . 3.68 0.32 17.38
C2 HAM E . 3.93 1.50 16.82
N3 HAM E . 5.07 1.73 16.19
C4 HAM E . 6.01 0.78 16.12
C HAM E . 13.01 -1.44 12.92
O HAM E . 12.01 -1.43 12.22
CA HAM E . 14.38 -1.33 12.27
N HAM E . 14.29 -2.05 11.00
CB HAM E . 14.73 0.13 12.02
CG HAM E . 15.74 0.28 10.89
CD2 HAM E . 15.49 0.19 9.58
ND1 HAM E . 17.04 0.52 11.03
CE1 HAM E . 17.59 0.59 9.82
NE2 HAM E . 16.63 0.39 8.93
#